data_9EXV
#
_entry.id   9EXV
#
loop_
_entity.id
_entity.type
_entity.pdbx_description
1 polymer Nitroreductase
2 polymer AlbB
3 non-polymer 'FLAVIN MONONUCLEOTIDE'
#
loop_
_entity_poly.entity_id
_entity_poly.type
_entity_poly.pdbx_seq_one_letter_code
_entity_poly.pdbx_strand_id
1 'polypeptide(L)'
;MDTGSSEPDANRCPSQRSSHALQTLTTRRAVRAFADRPVDDSLLDPMLDAMLAAPSASNKQAWAFVAVRERRALRLLRAF
SPGIIELPPLVVAACFDRSRAVGGSGNSTDSGDSWDEGMLCVAMAVENLLLAAHCLGLGGCPSGSFRRGPVRRLLGLPDH
LEPLLLVPIGHPARPLAPAPRRDRNEVVSHERWGTGSS
;
A,B
2 'polypeptide(L)'
;MSAGEPEVRQVGEELLLLAAYLLSSGRGLLDEPRQYGTFRCLDAARRVLALAAGTGPHHPELDALRGRMDDVMCGPMGDH
ELDTLLDQMCERLATVLEDPDVISD
;
C,D,E,F
#
loop_
_chem_comp.id
_chem_comp.type
_chem_comp.name
_chem_comp.formula
FMN non-polymer 'FLAVIN MONONUCLEOTIDE' 'C17 H21 N4 O9 P'
#
# COMPACT_ATOMS: atom_id res chain seq x y z
N PRO A 14 -13.12 -20.76 -20.33
CA PRO A 14 -13.62 -20.00 -19.18
C PRO A 14 -13.00 -20.48 -17.87
N SER A 15 -13.09 -21.79 -17.62
CA SER A 15 -12.46 -22.36 -16.43
C SER A 15 -10.94 -22.43 -16.59
N GLN A 16 -10.46 -22.61 -17.82
CA GLN A 16 -9.03 -22.78 -18.03
C GLN A 16 -8.28 -21.47 -17.82
N ARG A 17 -8.82 -20.36 -18.33
CA ARG A 17 -8.14 -19.08 -18.15
C ARG A 17 -8.24 -18.60 -16.71
N SER A 18 -9.39 -18.82 -16.08
CA SER A 18 -9.48 -18.51 -14.65
C SER A 18 -8.48 -19.32 -13.85
N SER A 19 -8.35 -20.61 -14.17
CA SER A 19 -7.36 -21.44 -13.50
C SER A 19 -5.94 -20.94 -13.74
N HIS A 20 -5.62 -20.58 -14.99
CA HIS A 20 -4.28 -20.12 -15.32
C HIS A 20 -3.94 -18.81 -14.61
N ALA A 21 -4.87 -17.86 -14.64
CA ALA A 21 -4.63 -16.58 -13.96
C ALA A 21 -4.53 -16.77 -12.46
N LEU A 22 -5.36 -17.64 -11.89
CA LEU A 22 -5.27 -17.94 -10.47
C LEU A 22 -3.93 -18.58 -10.13
N GLN A 23 -3.44 -19.47 -11.00
CA GLN A 23 -2.14 -20.09 -10.79
C GLN A 23 -1.02 -19.06 -10.88
N THR A 24 -1.11 -18.14 -11.84
CA THR A 24 -0.09 -17.10 -11.97
C THR A 24 -0.07 -16.21 -10.74
N LEU A 25 -1.25 -15.78 -10.27
CA LEU A 25 -1.31 -14.94 -9.09
C LEU A 25 -0.83 -15.66 -7.84
N THR A 26 -1.24 -16.92 -7.67
CA THR A 26 -0.92 -17.66 -6.45
C THR A 26 0.56 -17.99 -6.38
N THR A 27 1.14 -18.45 -7.49
CA THR A 27 2.54 -18.89 -7.51
C THR A 27 3.48 -17.73 -7.80
N ARG A 28 3.36 -16.67 -7.01
CA ARG A 28 4.21 -15.48 -7.13
C ARG A 28 5.06 -15.42 -5.87
N ARG A 29 6.33 -15.84 -5.99
CA ARG A 29 7.26 -15.88 -4.89
C ARG A 29 8.35 -14.84 -5.10
N ALA A 30 8.75 -14.19 -4.01
CA ALA A 30 9.80 -13.19 -4.09
C ALA A 30 11.12 -13.81 -4.53
N VAL A 31 11.84 -13.09 -5.38
CA VAL A 31 13.12 -13.54 -5.93
C VAL A 31 14.21 -12.62 -5.41
N ARG A 32 15.21 -13.20 -4.75
CA ARG A 32 16.33 -12.45 -4.21
C ARG A 32 17.69 -12.87 -4.77
N ALA A 33 17.71 -13.82 -5.70
CA ALA A 33 18.96 -14.32 -6.28
C ALA A 33 18.85 -14.19 -7.81
N PHE A 34 19.30 -13.06 -8.33
CA PHE A 34 19.20 -12.81 -9.76
C PHE A 34 20.39 -13.41 -10.51
N ALA A 35 20.17 -13.68 -11.79
CA ALA A 35 21.17 -14.26 -12.66
C ALA A 35 21.87 -13.16 -13.46
N ASP A 36 22.80 -13.58 -14.31
CA ASP A 36 23.52 -12.63 -15.17
C ASP A 36 22.87 -12.50 -16.54
N ARG A 37 21.56 -12.23 -16.55
CA ARG A 37 20.83 -11.96 -17.78
C ARG A 37 20.19 -10.58 -17.68
N PRO A 38 20.60 -9.60 -18.49
CA PRO A 38 20.00 -8.27 -18.39
C PRO A 38 18.55 -8.27 -18.81
N VAL A 39 17.79 -7.35 -18.22
CA VAL A 39 16.37 -7.18 -18.55
C VAL A 39 16.27 -6.27 -19.75
N ASP A 40 15.85 -6.83 -20.89
CA ASP A 40 15.75 -6.07 -22.12
C ASP A 40 14.58 -5.10 -22.08
N ASP A 41 14.62 -4.11 -22.96
CA ASP A 41 13.52 -3.16 -23.06
C ASP A 41 12.24 -3.85 -23.54
N SER A 42 12.38 -4.90 -24.36
CA SER A 42 11.20 -5.64 -24.78
C SER A 42 10.54 -6.36 -23.63
N LEU A 43 11.31 -6.73 -22.61
CA LEU A 43 10.76 -7.35 -21.40
C LEU A 43 10.35 -6.33 -20.35
N LEU A 44 10.63 -5.04 -20.58
CA LEU A 44 10.25 -3.98 -19.65
C LEU A 44 9.02 -3.23 -20.08
N ASP A 45 8.86 -2.94 -21.38
CA ASP A 45 7.72 -2.15 -21.82
C ASP A 45 6.39 -2.78 -21.44
N PRO A 46 6.14 -4.08 -21.69
CA PRO A 46 4.91 -4.68 -21.15
C PRO A 46 4.84 -4.62 -19.64
N MET A 47 5.97 -4.71 -18.96
CA MET A 47 5.97 -4.66 -17.50
C MET A 47 5.45 -3.32 -16.99
N LEU A 48 6.01 -2.22 -17.51
CA LEU A 48 5.53 -0.90 -17.11
C LEU A 48 4.11 -0.64 -17.58
N ASP A 49 3.75 -1.17 -18.75
CA ASP A 49 2.39 -0.99 -19.25
C ASP A 49 1.37 -1.63 -18.33
N ALA A 50 1.64 -2.87 -17.88
CA ALA A 50 0.72 -3.56 -16.98
C ALA A 50 0.83 -3.04 -15.55
N MET A 51 2.00 -2.51 -15.18
CA MET A 51 2.18 -1.99 -13.82
C MET A 51 1.39 -0.73 -13.60
N LEU A 52 1.35 0.16 -14.61
CA LEU A 52 0.65 1.42 -14.47
C LEU A 52 -0.86 1.25 -14.39
N ALA A 53 -1.38 0.09 -14.79
CA ALA A 53 -2.82 -0.19 -14.74
C ALA A 53 -3.18 -0.65 -13.32
N ALA A 54 -3.07 0.28 -12.39
CA ALA A 54 -3.37 0.04 -10.99
C ALA A 54 -4.28 1.14 -10.47
N PRO A 55 -5.10 0.85 -9.47
CA PRO A 55 -6.01 1.87 -8.95
C PRO A 55 -5.25 3.08 -8.41
N SER A 56 -5.80 4.26 -8.67
CA SER A 56 -5.30 5.52 -8.16
C SER A 56 -6.39 6.17 -7.32
N ALA A 57 -5.99 6.92 -6.30
CA ALA A 57 -6.94 7.45 -5.33
C ALA A 57 -8.19 8.01 -5.99
N SER A 58 -8.02 9.08 -6.77
CA SER A 58 -9.11 9.70 -7.50
C SER A 58 -8.89 9.64 -9.00
N ASN A 59 -8.01 8.75 -9.45
CA ASN A 59 -7.40 8.84 -10.77
C ASN A 59 -6.43 10.00 -10.81
N LYS A 60 -6.09 10.56 -9.65
CA LYS A 60 -5.01 11.53 -9.55
C LYS A 60 -3.75 10.98 -10.19
N GLN A 61 -3.49 9.68 -10.00
CA GLN A 61 -2.26 9.06 -10.44
C GLN A 61 -1.05 9.73 -9.79
N ALA A 62 -1.18 10.04 -8.49
CA ALA A 62 -0.13 10.69 -7.71
C ALA A 62 0.96 9.68 -7.39
N TRP A 63 1.78 9.40 -8.39
CA TRP A 63 2.92 8.49 -8.21
C TRP A 63 3.98 8.79 -9.25
N ALA A 64 5.16 8.22 -9.04
CA ALA A 64 6.28 8.37 -9.97
C ALA A 64 7.13 7.12 -9.89
N PHE A 65 7.62 6.66 -11.04
CA PHE A 65 8.42 5.46 -11.14
C PHE A 65 9.70 5.78 -11.89
N VAL A 66 10.82 5.20 -11.45
CA VAL A 66 12.12 5.37 -12.09
C VAL A 66 12.67 3.99 -12.43
N ALA A 67 13.02 3.79 -13.69
CA ALA A 67 13.54 2.51 -14.18
C ALA A 67 15.05 2.61 -14.33
N VAL A 68 15.79 1.94 -13.43
CA VAL A 68 17.24 2.02 -13.37
C VAL A 68 17.81 0.73 -13.93
N ARG A 69 18.71 0.87 -14.90
CA ARG A 69 19.44 -0.28 -15.46
C ARG A 69 20.94 -0.10 -15.52
N GLU A 70 21.46 1.12 -15.45
CA GLU A 70 22.90 1.32 -15.52
C GLU A 70 23.57 0.60 -14.36
N ARG A 71 24.68 -0.08 -14.66
CA ARG A 71 25.36 -0.88 -13.63
C ARG A 71 25.85 0.00 -12.48
N ARG A 72 26.40 1.17 -12.79
CA ARG A 72 26.85 2.07 -11.73
C ARG A 72 25.70 2.47 -10.82
N ALA A 73 24.59 2.90 -11.42
CA ALA A 73 23.45 3.34 -10.63
C ALA A 73 22.88 2.20 -9.80
N LEU A 74 22.83 1.00 -10.38
CA LEU A 74 22.32 -0.16 -9.65
C LEU A 74 23.21 -0.49 -8.46
N ARG A 75 24.52 -0.45 -8.65
CA ARG A 75 25.43 -0.72 -7.54
C ARG A 75 25.29 0.34 -6.45
N LEU A 76 25.19 1.61 -6.85
CA LEU A 76 25.03 2.67 -5.86
C LEU A 76 23.73 2.52 -5.09
N LEU A 77 22.64 2.16 -5.79
CA LEU A 77 21.36 1.95 -5.12
C LEU A 77 21.42 0.77 -4.16
N ARG A 78 22.03 -0.34 -4.58
CA ARG A 78 22.15 -1.50 -3.71
C ARG A 78 22.99 -1.19 -2.49
N ALA A 79 24.09 -0.45 -2.68
CA ALA A 79 25.00 -0.18 -1.57
C ALA A 79 24.31 0.62 -0.48
N PHE A 80 23.49 1.60 -0.86
CA PHE A 80 22.80 2.45 0.11
C PHE A 80 21.43 1.91 0.52
N SER A 81 21.04 0.74 0.03
CA SER A 81 19.76 0.13 0.36
C SER A 81 19.98 -1.29 0.86
N PRO A 82 19.92 -1.52 2.17
CA PRO A 82 20.14 -2.89 2.69
C PRO A 82 19.09 -3.87 2.22
N GLY A 83 17.92 -3.40 1.78
CA GLY A 83 16.87 -4.33 1.37
C GLY A 83 17.29 -5.23 0.23
N ILE A 84 18.08 -4.70 -0.71
CA ILE A 84 18.52 -5.49 -1.86
C ILE A 84 19.59 -6.46 -1.42
N ILE A 85 19.42 -7.73 -1.80
CA ILE A 85 20.33 -8.79 -1.40
C ILE A 85 21.34 -9.11 -2.50
N GLU A 86 20.87 -9.19 -3.74
CA GLU A 86 21.72 -9.50 -4.88
C GLU A 86 21.61 -8.41 -5.93
N LEU A 87 22.67 -8.25 -6.73
CA LEU A 87 22.68 -7.19 -7.72
C LEU A 87 21.56 -7.41 -8.73
N PRO A 88 20.63 -6.48 -8.89
CA PRO A 88 19.51 -6.70 -9.80
C PRO A 88 19.81 -6.15 -11.18
N PRO A 89 19.51 -6.89 -12.25
CA PRO A 89 19.64 -6.30 -13.59
C PRO A 89 18.81 -5.05 -13.79
N LEU A 90 17.64 -4.98 -13.17
CA LEU A 90 16.76 -3.82 -13.28
C LEU A 90 16.19 -3.46 -11.92
N VAL A 91 15.86 -2.19 -11.75
CA VAL A 91 15.29 -1.68 -10.51
C VAL A 91 14.16 -0.71 -10.85
N VAL A 92 13.06 -0.79 -10.09
CA VAL A 92 11.94 0.13 -10.23
C VAL A 92 11.77 0.85 -8.90
N ALA A 93 11.95 2.16 -8.92
CA ALA A 93 11.81 3.00 -7.72
C ALA A 93 10.43 3.65 -7.76
N ALA A 94 9.53 3.18 -6.91
CA ALA A 94 8.17 3.70 -6.84
C ALA A 94 8.07 4.73 -5.73
N CYS A 95 7.41 5.84 -6.02
CA CYS A 95 7.41 7.00 -5.15
C CYS A 95 6.05 7.68 -5.19
N PHE A 96 5.70 8.34 -4.09
CA PHE A 96 4.40 9.01 -3.99
C PHE A 96 4.52 10.46 -4.42
N ASP A 97 3.64 10.89 -5.31
CA ASP A 97 3.63 12.26 -5.83
C ASP A 97 2.81 13.11 -4.88
N ARG A 98 3.48 13.80 -3.97
CA ARG A 98 2.79 14.66 -3.02
C ARG A 98 2.17 15.89 -3.67
N SER A 99 2.51 16.17 -4.93
CA SER A 99 1.93 17.32 -5.62
C SER A 99 0.42 17.17 -5.76
N ARG A 100 -0.05 15.95 -6.06
CA ARG A 100 -1.46 15.67 -6.28
C ARG A 100 -2.06 14.87 -5.13
N ALA A 101 -1.59 15.12 -3.91
CA ALA A 101 -2.10 14.39 -2.75
C ALA A 101 -3.56 14.75 -2.49
N VAL A 102 -4.33 13.76 -2.05
CA VAL A 102 -5.75 13.95 -1.74
C VAL A 102 -5.88 14.48 -0.32
N GLY A 103 -6.64 15.57 -0.15
CA GLY A 103 -6.85 16.17 1.15
C GLY A 103 -5.76 17.10 1.62
N GLY A 104 -4.72 17.31 0.81
CA GLY A 104 -3.64 18.20 1.19
C GLY A 104 -2.83 18.67 0.00
N TRP A 115 0.33 10.35 6.85
CA TRP A 115 0.03 9.24 5.96
C TRP A 115 -1.07 9.63 4.98
N ASP A 116 -0.96 9.11 3.75
CA ASP A 116 -1.91 9.40 2.69
C ASP A 116 -2.36 8.10 2.04
N GLU A 117 -3.63 8.07 1.63
CA GLU A 117 -4.19 6.86 1.03
C GLU A 117 -3.56 6.55 -0.32
N GLY A 118 -3.11 7.57 -1.06
CA GLY A 118 -2.49 7.33 -2.35
C GLY A 118 -1.21 6.52 -2.26
N MET A 119 -0.51 6.61 -1.13
CA MET A 119 0.66 5.76 -0.91
C MET A 119 0.30 4.29 -1.06
N LEU A 120 -0.89 3.90 -0.58
CA LEU A 120 -1.35 2.53 -0.78
C LEU A 120 -1.53 2.23 -2.26
N CYS A 121 -1.97 3.22 -3.05
CA CYS A 121 -2.09 3.00 -4.48
C CYS A 121 -0.72 2.80 -5.12
N VAL A 122 0.30 3.53 -4.65
CA VAL A 122 1.67 3.27 -5.09
C VAL A 122 2.03 1.81 -4.82
N ALA A 123 1.72 1.34 -3.61
CA ALA A 123 2.00 -0.05 -3.28
C ALA A 123 1.22 -1.01 -4.17
N MET A 124 -0.02 -0.66 -4.53
CA MET A 124 -0.82 -1.52 -5.39
C MET A 124 -0.20 -1.62 -6.79
N ALA A 125 0.27 -0.50 -7.32
CA ALA A 125 0.99 -0.54 -8.59
C ALA A 125 2.25 -1.39 -8.47
N VAL A 126 2.89 -1.38 -7.30
CA VAL A 126 4.04 -2.24 -7.10
C VAL A 126 3.63 -3.71 -7.12
N GLU A 127 2.46 -4.03 -6.57
CA GLU A 127 1.98 -5.41 -6.67
C GLU A 127 1.79 -5.82 -8.11
N ASN A 128 1.15 -4.95 -8.90
CA ASN A 128 1.04 -5.22 -10.33
C ASN A 128 2.40 -5.36 -10.97
N LEU A 129 3.40 -4.62 -10.46
CA LEU A 129 4.78 -4.79 -10.94
C LEU A 129 5.28 -6.19 -10.70
N LEU A 130 5.08 -6.71 -9.49
CA LEU A 130 5.56 -8.04 -9.17
C LEU A 130 4.93 -9.08 -10.09
N LEU A 131 3.62 -8.99 -10.30
CA LEU A 131 2.97 -9.94 -11.17
C LEU A 131 3.41 -9.76 -12.62
N ALA A 132 3.60 -8.51 -13.05
CA ALA A 132 4.12 -8.26 -14.39
C ALA A 132 5.48 -8.91 -14.59
N ALA A 133 6.30 -8.94 -13.54
CA ALA A 133 7.58 -9.62 -13.61
C ALA A 133 7.42 -11.14 -13.62
N HIS A 134 6.43 -11.66 -12.89
CA HIS A 134 6.29 -13.11 -12.79
C HIS A 134 5.83 -13.73 -14.11
N CYS A 135 4.91 -13.07 -14.81
CA CYS A 135 4.33 -13.67 -16.01
C CYS A 135 5.39 -13.88 -17.08
N LEU A 136 6.30 -12.92 -17.24
CA LEU A 136 7.34 -12.98 -18.27
C LEU A 136 8.51 -13.87 -17.87
N GLY A 137 8.53 -14.39 -16.65
CA GLY A 137 9.62 -15.21 -16.16
C GLY A 137 10.59 -14.49 -15.25
N LEU A 138 10.42 -13.19 -15.07
CA LEU A 138 11.29 -12.41 -14.20
C LEU A 138 10.82 -12.57 -12.76
N GLY A 139 11.42 -11.82 -11.83
CA GLY A 139 11.05 -11.93 -10.44
C GLY A 139 11.68 -10.84 -9.62
N GLY A 140 11.12 -10.62 -8.45
CA GLY A 140 11.64 -9.60 -7.54
C GLY A 140 10.83 -9.56 -6.27
N CYS A 141 11.24 -8.67 -5.38
CA CYS A 141 10.57 -8.47 -4.10
C CYS A 141 10.29 -6.99 -3.89
N PRO A 142 9.18 -6.65 -3.23
CA PRO A 142 8.93 -5.22 -2.93
C PRO A 142 9.79 -4.69 -1.80
N SER A 143 11.10 -4.63 -2.03
CA SER A 143 12.01 -4.11 -1.02
C SER A 143 11.66 -2.67 -0.68
N GLY A 144 11.62 -2.36 0.61
CA GLY A 144 11.28 -1.02 1.06
C GLY A 144 12.15 -0.52 2.19
N SER A 145 13.10 -1.35 2.62
CA SER A 145 14.01 -0.99 3.72
C SER A 145 15.26 -0.36 3.11
N PHE A 146 15.22 0.97 2.97
CA PHE A 146 16.33 1.70 2.37
C PHE A 146 16.43 3.07 3.02
N ARG A 147 17.63 3.66 2.92
CA ARG A 147 17.86 5.02 3.40
C ARG A 147 17.25 5.99 2.40
N ARG A 148 16.19 6.68 2.80
CA ARG A 148 15.45 7.50 1.85
C ARG A 148 16.28 8.66 1.33
N GLY A 149 17.11 9.27 2.19
CA GLY A 149 17.90 10.42 1.81
C GLY A 149 18.90 10.13 0.71
N PRO A 150 19.82 9.19 0.98
CA PRO A 150 20.80 8.84 -0.06
C PRO A 150 20.17 8.33 -1.34
N VAL A 151 19.11 7.53 -1.25
CA VAL A 151 18.45 7.03 -2.44
C VAL A 151 17.83 8.19 -3.23
N ARG A 152 17.19 9.12 -2.53
CA ARG A 152 16.63 10.30 -3.18
C ARG A 152 17.71 11.08 -3.91
N ARG A 153 18.85 11.30 -3.26
CA ARG A 153 19.92 12.06 -3.90
C ARG A 153 20.48 11.31 -5.10
N LEU A 154 20.59 9.99 -5.00
CA LEU A 154 21.11 9.20 -6.11
C LEU A 154 20.17 9.24 -7.32
N LEU A 155 18.87 9.14 -7.09
CA LEU A 155 17.90 9.07 -8.17
C LEU A 155 17.37 10.43 -8.60
N GLY A 156 17.76 11.50 -7.92
CA GLY A 156 17.42 12.83 -8.37
C GLY A 156 15.97 13.24 -8.21
N LEU A 157 15.28 12.69 -7.20
CA LEU A 157 13.90 13.08 -6.97
C LEU A 157 13.83 14.51 -6.45
N PRO A 158 12.82 15.29 -6.84
CA PRO A 158 12.61 16.59 -6.21
C PRO A 158 12.05 16.45 -4.81
N ASP A 159 11.72 17.58 -4.17
CA ASP A 159 11.24 17.55 -2.80
C ASP A 159 9.91 16.82 -2.68
N HIS A 160 9.01 17.02 -3.64
CA HIS A 160 7.65 16.51 -3.51
C HIS A 160 7.52 15.01 -3.77
N LEU A 161 8.52 14.39 -4.40
CA LEU A 161 8.49 12.94 -4.64
C LEU A 161 9.13 12.23 -3.46
N GLU A 162 8.30 11.55 -2.66
CA GLU A 162 8.77 10.81 -1.49
C GLU A 162 8.97 9.35 -1.85
N PRO A 163 10.18 8.81 -1.80
CA PRO A 163 10.36 7.40 -2.15
C PRO A 163 9.59 6.48 -1.22
N LEU A 164 9.00 5.43 -1.79
CA LEU A 164 8.24 4.44 -1.05
C LEU A 164 8.84 3.05 -1.14
N LEU A 165 9.05 2.55 -2.35
CA LEU A 165 9.52 1.19 -2.57
C LEU A 165 10.62 1.19 -3.62
N LEU A 166 11.49 0.20 -3.53
CA LEU A 166 12.62 0.01 -4.45
C LEU A 166 12.62 -1.47 -4.81
N VAL A 167 11.86 -1.84 -5.84
CA VAL A 167 11.63 -3.23 -6.20
C VAL A 167 12.75 -3.68 -7.13
N PRO A 168 13.57 -4.66 -6.74
CA PRO A 168 14.55 -5.21 -7.69
C PRO A 168 13.94 -6.27 -8.57
N ILE A 169 13.89 -6.02 -9.88
CA ILE A 169 13.31 -6.94 -10.85
C ILE A 169 14.43 -7.48 -11.72
N GLY A 170 14.48 -8.80 -11.87
CA GLY A 170 15.53 -9.43 -12.64
C GLY A 170 15.20 -10.89 -12.88
N HIS A 171 16.04 -11.51 -13.71
CA HIS A 171 15.82 -12.90 -14.08
C HIS A 171 16.18 -13.82 -12.93
N PRO A 172 15.28 -14.67 -12.45
CA PRO A 172 15.60 -15.51 -11.29
C PRO A 172 16.70 -16.52 -11.61
N ALA A 173 17.49 -16.81 -10.59
CA ALA A 173 18.56 -17.80 -10.66
C ALA A 173 18.37 -18.96 -9.70
N ARG A 174 17.49 -18.82 -8.71
CA ARG A 174 17.25 -19.84 -7.71
C ARG A 174 15.83 -20.35 -7.84
N PRO A 175 15.60 -21.67 -7.79
CA PRO A 175 14.24 -22.18 -7.93
C PRO A 175 13.32 -21.59 -6.85
N LEU A 176 12.10 -21.27 -7.26
CA LEU A 176 11.14 -20.71 -6.32
C LEU A 176 10.89 -21.68 -5.17
N ALA A 177 10.95 -21.16 -3.96
CA ALA A 177 10.80 -21.97 -2.75
C ALA A 177 9.69 -21.38 -1.89
N PRO A 178 8.57 -22.09 -1.70
CA PRO A 178 7.47 -21.53 -0.91
C PRO A 178 7.87 -21.27 0.53
N ALA A 179 7.26 -20.24 1.12
CA ALA A 179 7.53 -19.85 2.50
C ALA A 179 6.38 -20.27 3.41
N PRO A 180 6.65 -20.59 4.68
CA PRO A 180 5.56 -20.94 5.59
C PRO A 180 4.57 -19.80 5.76
N ARG A 181 3.30 -20.16 5.88
CA ARG A 181 2.22 -19.19 6.00
C ARG A 181 1.36 -19.53 7.21
N ARG A 182 0.76 -18.50 7.79
CA ARG A 182 -0.13 -18.67 8.92
C ARG A 182 -1.38 -19.45 8.52
N ASP A 183 -2.06 -20.00 9.53
CA ASP A 183 -3.29 -20.72 9.29
C ASP A 183 -4.34 -19.78 8.71
N ARG A 184 -5.14 -20.31 7.78
CA ARG A 184 -6.18 -19.50 7.15
C ARG A 184 -7.21 -19.02 8.16
N ASN A 185 -7.50 -19.84 9.17
CA ASN A 185 -8.52 -19.47 10.15
C ASN A 185 -8.09 -18.27 11.00
N GLU A 186 -6.78 -18.09 11.19
CA GLU A 186 -6.27 -17.01 12.02
C GLU A 186 -6.04 -15.71 11.25
N VAL A 187 -6.24 -15.71 9.94
CA VAL A 187 -6.01 -14.54 9.10
C VAL A 187 -7.30 -13.98 8.53
N VAL A 188 -8.25 -14.85 8.16
CA VAL A 188 -9.50 -14.42 7.55
C VAL A 188 -10.66 -14.93 8.39
N SER A 189 -11.79 -14.22 8.29
CA SER A 189 -12.99 -14.55 9.06
C SER A 189 -14.21 -14.24 8.19
N HIS A 190 -15.38 -14.65 8.70
CA HIS A 190 -16.64 -14.52 7.97
C HIS A 190 -17.52 -13.50 8.68
N GLU A 191 -17.59 -12.28 8.11
CA GLU A 191 -18.47 -11.19 8.50
C GLU A 191 -18.31 -10.78 9.97
N ARG A 192 -17.34 -11.33 10.68
CA ARG A 192 -17.12 -11.02 12.08
C ARG A 192 -15.65 -11.30 12.38
N TRP A 193 -15.31 -11.34 13.68
CA TRP A 193 -13.98 -11.74 14.10
C TRP A 193 -14.09 -12.98 14.97
N GLY A 194 -13.32 -14.01 14.64
CA GLY A 194 -13.35 -15.25 15.36
C GLY A 194 -14.44 -16.21 14.94
N THR A 195 -15.26 -15.85 13.96
CA THR A 195 -16.33 -16.73 13.49
C THR A 195 -15.93 -17.42 12.20
N PRO B 14 3.68 -20.80 -22.08
CA PRO B 14 4.88 -19.98 -22.31
C PRO B 14 4.54 -18.57 -22.81
N SER B 15 4.62 -18.32 -24.11
CA SER B 15 4.31 -16.99 -24.63
C SER B 15 2.82 -16.70 -24.53
N GLN B 16 1.97 -17.70 -24.83
CA GLN B 16 0.53 -17.48 -24.80
C GLN B 16 0.02 -17.33 -23.37
N ARG B 17 0.56 -18.12 -22.44
CA ARG B 17 0.17 -17.98 -21.05
C ARG B 17 0.56 -16.61 -20.50
N SER B 18 1.78 -16.16 -20.82
CA SER B 18 2.21 -14.84 -20.39
C SER B 18 1.34 -13.75 -21.01
N SER B 19 1.02 -13.88 -22.29
CA SER B 19 0.18 -12.88 -22.94
C SER B 19 -1.21 -12.83 -22.30
N HIS B 20 -1.78 -14.00 -22.02
CA HIS B 20 -3.09 -14.05 -21.37
C HIS B 20 -3.04 -13.42 -19.98
N ALA B 21 -1.99 -13.72 -19.21
CA ALA B 21 -1.87 -13.14 -17.88
C ALA B 21 -1.73 -11.62 -17.96
N LEU B 22 -0.92 -11.12 -18.90
CA LEU B 22 -0.75 -9.68 -19.04
C LEU B 22 -2.06 -9.01 -19.45
N GLN B 23 -2.82 -9.66 -20.34
CA GLN B 23 -4.13 -9.14 -20.69
C GLN B 23 -5.03 -9.08 -19.47
N THR B 24 -5.01 -10.14 -18.65
CA THR B 24 -5.83 -10.17 -17.45
C THR B 24 -5.46 -9.03 -16.50
N LEU B 25 -4.17 -8.79 -16.30
CA LEU B 25 -3.73 -7.74 -15.40
C LEU B 25 -4.07 -6.36 -15.94
N THR B 26 -3.88 -6.16 -17.25
CA THR B 26 -4.07 -4.83 -17.83
C THR B 26 -5.54 -4.43 -17.89
N THR B 27 -6.42 -5.38 -18.20
CA THR B 27 -7.85 -5.12 -18.35
C THR B 27 -8.56 -4.93 -17.02
N ARG B 28 -7.83 -4.91 -15.91
CA ARG B 28 -8.46 -4.77 -14.60
C ARG B 28 -9.05 -3.37 -14.45
N ARG B 29 -10.36 -3.30 -14.26
CA ARG B 29 -11.08 -2.04 -14.16
C ARG B 29 -11.95 -2.05 -12.91
N ALA B 30 -11.99 -0.91 -12.21
CA ALA B 30 -12.79 -0.81 -11.01
C ALA B 30 -14.27 -0.95 -11.34
N VAL B 31 -14.99 -1.68 -10.48
CA VAL B 31 -16.40 -1.97 -10.68
C VAL B 31 -17.17 -1.31 -9.54
N ARG B 32 -18.08 -0.38 -9.89
CA ARG B 32 -18.92 0.29 -8.92
C ARG B 32 -20.38 -0.11 -9.01
N ALA B 33 -20.79 -0.78 -10.08
CA ALA B 33 -22.15 -1.27 -10.24
C ALA B 33 -22.13 -2.78 -10.20
N PHE B 34 -22.84 -3.36 -9.24
CA PHE B 34 -22.84 -4.80 -9.01
C PHE B 34 -24.24 -5.35 -9.23
N ALA B 35 -24.32 -6.47 -9.95
CA ALA B 35 -25.59 -7.14 -10.12
C ALA B 35 -26.09 -7.68 -8.78
N ASP B 36 -27.38 -7.98 -8.72
CA ASP B 36 -27.98 -8.53 -7.52
C ASP B 36 -27.68 -10.02 -7.35
N ARG B 37 -26.76 -10.56 -8.14
CA ARG B 37 -26.34 -11.95 -8.01
C ARG B 37 -25.39 -12.10 -6.82
N PRO B 38 -25.48 -13.18 -6.06
CA PRO B 38 -24.57 -13.38 -4.93
C PRO B 38 -23.28 -14.07 -5.35
N VAL B 39 -22.25 -13.90 -4.52
CA VAL B 39 -20.95 -14.52 -4.75
C VAL B 39 -20.95 -15.87 -4.05
N ASP B 40 -20.81 -16.94 -4.83
CA ASP B 40 -20.82 -18.28 -4.28
C ASP B 40 -19.52 -18.57 -3.54
N ASP B 41 -19.60 -19.50 -2.58
CA ASP B 41 -18.41 -19.91 -1.83
C ASP B 41 -17.38 -20.55 -2.75
N SER B 42 -17.83 -21.40 -3.68
CA SER B 42 -16.92 -22.01 -4.63
C SER B 42 -16.20 -20.98 -5.47
N LEU B 43 -16.83 -19.82 -5.68
CA LEU B 43 -16.21 -18.71 -6.38
C LEU B 43 -15.42 -17.79 -5.45
N LEU B 44 -15.68 -17.84 -4.16
CA LEU B 44 -14.97 -16.99 -3.20
C LEU B 44 -13.65 -17.60 -2.76
N ASP B 45 -13.59 -18.93 -2.62
CA ASP B 45 -12.37 -19.57 -2.13
C ASP B 45 -11.15 -19.25 -2.97
N PRO B 46 -11.17 -19.41 -4.30
CA PRO B 46 -9.98 -19.05 -5.09
C PRO B 46 -9.56 -17.60 -4.91
N MET B 47 -10.54 -16.69 -4.78
CA MET B 47 -10.23 -15.29 -4.56
C MET B 47 -9.50 -15.09 -3.25
N LEU B 48 -9.96 -15.75 -2.18
CA LEU B 48 -9.30 -15.65 -0.88
C LEU B 48 -7.89 -16.22 -0.94
N ASP B 49 -7.72 -17.36 -1.61
CA ASP B 49 -6.39 -17.95 -1.73
C ASP B 49 -5.43 -17.03 -2.48
N ALA B 50 -5.88 -16.46 -3.59
CA ALA B 50 -5.04 -15.52 -4.33
C ALA B 50 -4.71 -14.29 -3.50
N MET B 51 -5.70 -13.78 -2.75
CA MET B 51 -5.46 -12.62 -1.91
C MET B 51 -4.41 -12.90 -0.85
N LEU B 52 -4.52 -14.05 -0.19
CA LEU B 52 -3.58 -14.38 0.89
C LEU B 52 -2.17 -14.65 0.39
N ALA B 53 -2.02 -14.98 -0.89
CA ALA B 53 -0.70 -15.24 -1.47
C ALA B 53 -0.09 -13.92 -1.94
N ALA B 54 0.18 -13.05 -0.95
CA ALA B 54 0.74 -11.74 -1.21
C ALA B 54 1.95 -11.51 -0.31
N PRO B 55 2.91 -10.70 -0.76
CA PRO B 55 4.09 -10.43 0.07
C PRO B 55 3.72 -9.67 1.34
N SER B 56 4.49 -9.92 2.38
CA SER B 56 4.34 -9.30 3.69
C SER B 56 5.61 -8.54 4.02
N ALA B 57 5.64 -7.92 5.21
CA ALA B 57 6.84 -7.22 5.63
C ALA B 57 7.99 -8.19 5.88
N SER B 58 7.77 -9.19 6.73
CA SER B 58 8.83 -10.12 7.12
C SER B 58 8.30 -11.54 7.25
N ASN B 59 7.49 -11.98 6.28
CA ASN B 59 6.77 -13.25 6.40
C ASN B 59 6.00 -13.31 7.72
N LYS B 60 5.64 -12.15 8.25
CA LYS B 60 4.90 -12.04 9.49
C LYS B 60 3.39 -12.16 9.28
N GLN B 61 2.94 -12.20 8.03
CA GLN B 61 1.52 -12.21 7.70
C GLN B 61 0.74 -11.25 8.58
N ALA B 62 1.29 -10.04 8.77
CA ALA B 62 0.71 -9.05 9.69
C ALA B 62 -0.44 -8.34 8.99
N TRP B 63 -1.60 -9.03 8.98
CA TRP B 63 -2.82 -8.43 8.44
C TRP B 63 -4.02 -9.23 8.93
N ALA B 64 -5.20 -8.67 8.70
CA ALA B 64 -6.46 -9.30 9.06
C ALA B 64 -7.48 -9.02 7.97
N PHE B 65 -8.23 -10.04 7.59
CA PHE B 65 -9.24 -9.92 6.56
C PHE B 65 -10.59 -10.40 7.10
N VAL B 66 -11.65 -9.70 6.72
CA VAL B 66 -13.02 -10.06 7.10
C VAL B 66 -13.84 -10.13 5.83
N ALA B 67 -14.62 -11.20 5.68
CA ALA B 67 -15.41 -11.45 4.48
C ALA B 67 -16.89 -11.32 4.84
N VAL B 68 -17.41 -10.11 4.69
CA VAL B 68 -18.82 -9.84 5.00
C VAL B 68 -19.68 -10.24 3.80
N ARG B 69 -20.68 -11.09 4.06
CA ARG B 69 -21.63 -11.49 3.02
C ARG B 69 -23.08 -11.39 3.46
N GLU B 70 -23.37 -11.25 4.76
CA GLU B 70 -24.74 -11.10 5.20
C GLU B 70 -25.33 -9.80 4.67
N ARG B 71 -26.61 -9.83 4.31
CA ARG B 71 -27.24 -8.68 3.69
C ARG B 71 -27.25 -7.48 4.64
N ARG B 72 -27.66 -7.70 5.89
CA ARG B 72 -27.75 -6.60 6.84
C ARG B 72 -26.39 -5.98 7.10
N ALA B 73 -25.37 -6.81 7.28
CA ALA B 73 -24.02 -6.30 7.48
C ALA B 73 -23.55 -5.53 6.25
N LEU B 74 -23.87 -6.03 5.06
CA LEU B 74 -23.49 -5.34 3.83
C LEU B 74 -24.12 -3.95 3.77
N ARG B 75 -25.42 -3.86 4.08
CA ARG B 75 -26.09 -2.58 4.05
C ARG B 75 -25.53 -1.62 5.09
N LEU B 76 -25.25 -2.13 6.30
CA LEU B 76 -24.67 -1.27 7.32
C LEU B 76 -23.30 -0.76 6.90
N LEU B 77 -22.46 -1.64 6.35
CA LEU B 77 -21.14 -1.21 5.91
C LEU B 77 -21.23 -0.19 4.79
N ARG B 78 -22.15 -0.40 3.84
CA ARG B 78 -22.33 0.57 2.78
C ARG B 78 -22.78 1.92 3.33
N ALA B 79 -23.69 1.90 4.29
CA ALA B 79 -24.15 3.14 4.91
C ALA B 79 -23.00 3.86 5.60
N PHE B 80 -22.12 3.11 6.28
CA PHE B 80 -21.03 3.69 7.03
C PHE B 80 -19.73 3.78 6.25
N SER B 81 -19.75 3.45 4.95
CA SER B 81 -18.59 3.59 4.08
C SER B 81 -19.01 4.37 2.86
N PRO B 82 -18.82 5.70 2.86
CA PRO B 82 -19.22 6.49 1.69
C PRO B 82 -18.47 6.13 0.43
N GLY B 83 -17.30 5.50 0.54
CA GLY B 83 -16.57 5.09 -0.65
C GLY B 83 -17.36 4.10 -1.50
N ILE B 84 -18.10 3.20 -0.85
CA ILE B 84 -18.89 2.22 -1.56
C ILE B 84 -20.04 2.91 -2.28
N ILE B 85 -20.21 2.59 -3.56
CA ILE B 85 -21.20 3.27 -4.40
C ILE B 85 -22.52 2.52 -4.41
N GLU B 86 -22.49 1.22 -4.67
CA GLU B 86 -23.70 0.40 -4.72
C GLU B 86 -23.52 -0.82 -3.83
N LEU B 87 -24.63 -1.43 -3.45
CA LEU B 87 -24.61 -2.54 -2.50
C LEU B 87 -23.80 -3.69 -3.09
N PRO B 88 -22.73 -4.13 -2.43
CA PRO B 88 -21.90 -5.19 -2.99
C PRO B 88 -22.33 -6.56 -2.49
N PRO B 89 -22.28 -7.58 -3.36
CA PRO B 89 -22.54 -8.94 -2.86
C PRO B 89 -21.57 -9.38 -1.77
N LEU B 90 -20.32 -8.92 -1.83
CA LEU B 90 -19.30 -9.29 -0.86
C LEU B 90 -18.49 -8.06 -0.48
N VAL B 91 -17.99 -8.05 0.75
CA VAL B 91 -17.12 -6.99 1.24
C VAL B 91 -15.90 -7.64 1.88
N VAL B 92 -14.71 -7.15 1.53
CA VAL B 92 -13.46 -7.62 2.12
C VAL B 92 -12.86 -6.45 2.90
N ALA B 93 -12.81 -6.60 4.22
CA ALA B 93 -12.23 -5.59 5.10
C ALA B 93 -10.80 -6.00 5.42
N ALA B 94 -9.85 -5.26 4.87
CA ALA B 94 -8.43 -5.51 5.11
C ALA B 94 -7.94 -4.57 6.20
N CYS B 95 -7.24 -5.13 7.19
CA CYS B 95 -6.81 -4.41 8.36
C CYS B 95 -5.33 -4.67 8.61
N PHE B 96 -4.65 -3.69 9.18
CA PHE B 96 -3.25 -3.88 9.56
C PHE B 96 -3.19 -4.48 10.96
N ASP B 97 -2.35 -5.50 11.12
CA ASP B 97 -2.20 -6.20 12.40
C ASP B 97 -1.08 -5.53 13.18
N ARG B 98 -1.45 -4.72 14.16
CA ARG B 98 -0.46 -3.97 14.94
C ARG B 98 0.34 -4.87 15.88
N SER B 99 -0.25 -6.00 16.31
CA SER B 99 0.48 -6.89 17.20
C SER B 99 1.67 -7.53 16.51
N ARG B 100 1.54 -7.80 15.20
CA ARG B 100 2.60 -8.40 14.42
C ARG B 100 3.39 -7.37 13.63
N ALA B 101 3.18 -6.09 13.87
CA ALA B 101 3.90 -5.06 13.14
C ALA B 101 5.39 -5.11 13.47
N VAL B 102 6.21 -4.83 12.47
CA VAL B 102 7.66 -4.81 12.64
C VAL B 102 8.11 -3.44 13.12
N TRP B 115 1.41 4.85 10.04
CA TRP B 115 2.77 5.04 9.55
C TRP B 115 3.59 3.76 9.75
N ASP B 116 3.35 2.75 8.90
CA ASP B 116 4.04 1.49 9.04
C ASP B 116 4.35 0.92 7.66
N GLU B 117 5.56 0.39 7.50
CA GLU B 117 5.95 -0.20 6.22
C GLU B 117 5.04 -1.37 5.85
N GLY B 118 4.74 -2.23 6.82
CA GLY B 118 3.91 -3.40 6.55
C GLY B 118 2.51 -3.05 6.13
N MET B 119 2.04 -1.84 6.44
CA MET B 119 0.71 -1.42 6.03
C MET B 119 0.56 -1.43 4.51
N LEU B 120 1.67 -1.25 3.78
CA LEU B 120 1.64 -1.32 2.33
C LEU B 120 1.39 -2.75 1.84
N CYS B 121 1.90 -3.74 2.55
CA CYS B 121 1.72 -5.13 2.13
C CYS B 121 0.26 -5.53 2.14
N VAL B 122 -0.52 -5.01 3.09
CA VAL B 122 -1.95 -5.31 3.13
C VAL B 122 -2.63 -4.77 1.87
N ALA B 123 -2.26 -3.57 1.44
CA ALA B 123 -2.80 -3.02 0.21
C ALA B 123 -2.35 -3.85 -1.00
N MET B 124 -1.13 -4.39 -0.96
CA MET B 124 -0.70 -5.30 -2.01
C MET B 124 -1.59 -6.53 -2.07
N ALA B 125 -1.94 -7.08 -0.90
CA ALA B 125 -2.86 -8.22 -0.87
C ALA B 125 -4.22 -7.83 -1.44
N VAL B 126 -4.70 -6.63 -1.13
CA VAL B 126 -5.96 -6.16 -1.69
C VAL B 126 -5.88 -6.08 -3.21
N GLU B 127 -4.76 -5.59 -3.74
CA GLU B 127 -4.57 -5.55 -5.18
C GLU B 127 -4.63 -6.96 -5.78
N ASN B 128 -3.98 -7.92 -5.13
CA ASN B 128 -4.07 -9.30 -5.59
C ASN B 128 -5.53 -9.77 -5.59
N LEU B 129 -6.31 -9.35 -4.60
CA LEU B 129 -7.72 -9.73 -4.57
C LEU B 129 -8.47 -9.13 -5.74
N LEU B 130 -8.17 -7.88 -6.10
CA LEU B 130 -8.81 -7.27 -7.26
C LEU B 130 -8.51 -8.07 -8.52
N LEU B 131 -7.24 -8.43 -8.71
CA LEU B 131 -6.88 -9.20 -9.88
C LEU B 131 -7.51 -10.59 -9.84
N ALA B 132 -7.68 -11.17 -8.65
CA ALA B 132 -8.40 -12.43 -8.54
C ALA B 132 -9.86 -12.29 -8.95
N ALA B 133 -10.51 -11.21 -8.52
CA ALA B 133 -11.87 -10.93 -8.97
C ALA B 133 -11.93 -10.92 -10.49
N HIS B 134 -10.96 -10.28 -11.14
CA HIS B 134 -10.94 -10.32 -12.60
C HIS B 134 -10.62 -11.71 -13.11
N CYS B 135 -9.87 -12.51 -12.34
CA CYS B 135 -9.63 -13.89 -12.74
C CYS B 135 -10.93 -14.67 -12.87
N LEU B 136 -11.88 -14.43 -11.97
CA LEU B 136 -13.15 -15.12 -11.98
C LEU B 136 -14.27 -14.32 -12.63
N GLY B 137 -13.93 -13.21 -13.30
CA GLY B 137 -14.92 -12.41 -13.99
C GLY B 137 -15.65 -11.41 -13.15
N LEU B 138 -15.43 -11.41 -11.83
CA LEU B 138 -16.06 -10.44 -10.95
C LEU B 138 -15.20 -9.17 -10.94
N GLY B 139 -15.54 -8.23 -10.07
CA GLY B 139 -14.78 -7.00 -9.96
C GLY B 139 -14.84 -6.40 -8.58
N GLY B 140 -13.74 -5.83 -8.13
CA GLY B 140 -13.68 -5.21 -6.81
C GLY B 140 -13.18 -3.79 -6.90
N CYS B 141 -13.73 -2.93 -6.04
CA CYS B 141 -13.43 -1.50 -6.03
C CYS B 141 -12.92 -1.11 -4.65
N PRO B 142 -11.61 -1.13 -4.42
CA PRO B 142 -11.10 -0.77 -3.09
C PRO B 142 -11.42 0.66 -2.74
N SER B 143 -11.63 0.91 -1.45
CA SER B 143 -11.97 2.23 -0.96
C SER B 143 -11.32 2.45 0.40
N GLY B 144 -10.81 3.66 0.63
CA GLY B 144 -10.21 4.01 1.90
C GLY B 144 -10.90 5.17 2.57
N SER B 145 -11.93 5.71 1.94
CA SER B 145 -12.66 6.86 2.48
C SER B 145 -13.86 6.33 3.25
N PHE B 146 -13.66 6.08 4.53
CA PHE B 146 -14.74 5.58 5.38
C PHE B 146 -14.44 5.94 6.83
N ARG B 147 -15.48 5.86 7.65
CA ARG B 147 -15.37 6.13 9.08
C ARG B 147 -14.83 4.89 9.77
N ARG B 148 -13.60 4.97 10.27
CA ARG B 148 -12.97 3.80 10.89
C ARG B 148 -13.73 3.35 12.12
N GLY B 149 -14.24 4.28 12.91
CA GLY B 149 -14.90 3.93 14.16
C GLY B 149 -16.10 3.04 13.96
N PRO B 150 -17.15 3.57 13.32
CA PRO B 150 -18.35 2.75 13.11
C PRO B 150 -18.09 1.49 12.31
N VAL B 151 -17.21 1.55 11.30
CA VAL B 151 -16.91 0.37 10.50
C VAL B 151 -16.26 -0.71 11.36
N ARG B 152 -15.30 -0.31 12.19
CA ARG B 152 -14.70 -1.23 13.16
C ARG B 152 -15.78 -1.83 14.06
N ARG B 153 -16.69 -1.01 14.55
CA ARG B 153 -17.71 -1.49 15.46
C ARG B 153 -18.60 -2.54 14.79
N LEU B 154 -18.99 -2.30 13.54
CA LEU B 154 -19.77 -3.29 12.81
C LEU B 154 -18.97 -4.57 12.57
N LEU B 155 -17.70 -4.42 12.19
CA LEU B 155 -16.87 -5.59 11.92
C LEU B 155 -16.47 -6.34 13.18
N GLY B 156 -16.60 -5.71 14.35
CA GLY B 156 -16.19 -6.35 15.58
C GLY B 156 -14.70 -6.54 15.73
N LEU B 157 -13.90 -5.73 15.05
CA LEU B 157 -12.46 -5.90 15.10
C LEU B 157 -11.92 -5.56 16.48
N PRO B 158 -10.90 -6.28 16.96
CA PRO B 158 -10.29 -5.92 18.25
C PRO B 158 -9.52 -4.61 18.19
N ASP B 159 -8.87 -4.26 19.30
CA ASP B 159 -8.21 -2.96 19.39
C ASP B 159 -7.00 -2.88 18.47
N HIS B 160 -6.15 -3.92 18.46
CA HIS B 160 -4.91 -3.85 17.69
C HIS B 160 -5.17 -3.74 16.20
N LEU B 161 -6.11 -4.52 15.66
CA LEU B 161 -6.41 -4.46 14.25
C LEU B 161 -7.05 -3.11 13.90
N GLU B 162 -6.56 -2.47 12.84
CA GLU B 162 -7.10 -1.19 12.40
C GLU B 162 -7.53 -1.28 10.93
N PRO B 163 -8.83 -1.20 10.62
CA PRO B 163 -9.24 -1.30 9.22
C PRO B 163 -8.65 -0.18 8.38
N LEU B 164 -8.24 -0.53 7.16
CA LEU B 164 -7.63 0.42 6.25
C LEU B 164 -8.19 0.37 4.83
N LEU B 165 -8.83 -0.73 4.42
CA LEU B 165 -9.39 -0.84 3.08
C LEU B 165 -10.68 -1.64 3.12
N LEU B 166 -11.71 -1.14 2.43
CA LEU B 166 -12.94 -1.87 2.19
C LEU B 166 -13.06 -2.14 0.70
N VAL B 167 -13.25 -3.39 0.34
CA VAL B 167 -13.23 -3.80 -1.07
C VAL B 167 -14.58 -4.40 -1.44
N PRO B 168 -15.53 -3.59 -1.91
CA PRO B 168 -16.76 -4.15 -2.48
C PRO B 168 -16.46 -4.98 -3.73
N ILE B 169 -16.88 -6.25 -3.69
CA ILE B 169 -16.63 -7.19 -4.77
C ILE B 169 -17.94 -7.84 -5.19
N GLY B 170 -18.15 -7.97 -6.49
CA GLY B 170 -19.35 -8.61 -6.99
C GLY B 170 -19.30 -8.71 -8.50
N HIS B 171 -20.30 -9.38 -9.04
CA HIS B 171 -20.38 -9.57 -10.49
C HIS B 171 -20.67 -8.24 -11.17
N PRO B 172 -19.89 -7.85 -12.18
CA PRO B 172 -20.16 -6.59 -12.86
C PRO B 172 -21.54 -6.58 -13.51
N ALA B 173 -22.16 -5.40 -13.55
CA ALA B 173 -23.47 -5.22 -14.14
C ALA B 173 -23.47 -4.37 -15.40
N ARG B 174 -22.45 -3.53 -15.59
CA ARG B 174 -22.34 -2.66 -16.76
C ARG B 174 -20.95 -2.79 -17.36
N PRO B 175 -20.82 -2.52 -18.66
CA PRO B 175 -19.50 -2.63 -19.30
C PRO B 175 -18.49 -1.68 -18.65
N LEU B 176 -17.25 -2.14 -18.57
CA LEU B 176 -16.17 -1.39 -17.95
C LEU B 176 -15.37 -0.64 -19.01
N ALA B 177 -15.03 0.61 -18.70
CA ALA B 177 -14.25 1.44 -19.60
C ALA B 177 -13.04 2.01 -18.87
N PRO B 178 -11.90 2.15 -19.55
CA PRO B 178 -10.71 2.67 -18.88
C PRO B 178 -10.87 4.13 -18.48
N ALA B 179 -10.22 4.47 -17.35
CA ALA B 179 -10.19 5.85 -16.91
C ALA B 179 -9.09 6.62 -17.63
N PRO B 180 -9.22 7.94 -17.75
CA PRO B 180 -8.16 8.72 -18.40
C PRO B 180 -6.82 8.55 -17.69
N ARG B 181 -5.76 8.43 -18.48
CA ARG B 181 -4.42 8.15 -17.98
C ARG B 181 -3.44 9.18 -18.51
N ARG B 182 -2.49 9.57 -17.67
CA ARG B 182 -1.45 10.50 -18.07
C ARG B 182 -0.45 9.81 -18.99
N ASP B 183 0.33 10.62 -19.69
CA ASP B 183 1.35 10.09 -20.58
C ASP B 183 2.40 9.32 -19.78
N ARG B 184 2.91 8.24 -20.39
CA ARG B 184 3.88 7.40 -19.69
C ARG B 184 5.15 8.17 -19.37
N ASN B 185 5.46 9.22 -20.13
CA ASN B 185 6.68 9.98 -19.88
C ASN B 185 6.59 10.77 -18.58
N GLU B 186 5.39 11.28 -18.26
CA GLU B 186 5.23 12.08 -17.04
C GLU B 186 5.35 11.22 -15.79
N VAL B 187 4.86 9.99 -15.84
CA VAL B 187 4.81 9.13 -14.66
C VAL B 187 5.97 8.16 -14.56
N VAL B 188 6.66 7.87 -15.67
CA VAL B 188 7.76 6.92 -15.71
C VAL B 188 8.96 7.60 -16.33
N SER B 189 10.12 7.47 -15.69
CA SER B 189 11.38 7.99 -16.17
C SER B 189 12.36 6.84 -16.37
N HIS B 190 13.60 7.18 -16.74
CA HIS B 190 14.61 6.17 -17.05
C HIS B 190 15.92 6.54 -16.37
N GLU B 191 16.19 5.91 -15.23
CA GLU B 191 17.48 5.96 -14.54
C GLU B 191 17.68 7.28 -13.83
N ARG B 192 16.78 8.24 -14.05
CA ARG B 192 16.87 9.56 -13.45
C ARG B 192 15.45 10.10 -13.33
N TRP B 193 15.32 11.40 -13.05
CA TRP B 193 14.04 12.08 -13.06
C TRP B 193 14.05 13.13 -14.16
N GLY B 194 12.98 13.15 -14.95
CA GLY B 194 12.89 14.03 -16.09
C GLY B 194 13.41 13.44 -17.39
N THR B 195 13.93 12.22 -17.37
CA THR B 195 14.46 11.57 -18.55
C THR B 195 13.40 10.64 -19.14
N GLY B 196 13.25 10.71 -20.46
CA GLY B 196 12.28 9.88 -21.15
C GLY B 196 12.87 8.59 -21.67
N GLU C 7 -50.02 6.60 2.39
CA GLU C 7 -48.98 7.33 3.08
C GLU C 7 -47.65 7.17 2.37
N VAL C 8 -47.50 6.04 1.67
CA VAL C 8 -46.25 5.75 0.95
C VAL C 8 -46.04 6.75 -0.18
N ARG C 9 -47.12 7.12 -0.88
CA ARG C 9 -47.03 8.08 -1.97
C ARG C 9 -46.49 9.42 -1.47
N GLN C 10 -46.98 9.88 -0.31
CA GLN C 10 -46.51 11.14 0.25
C GLN C 10 -45.03 11.05 0.62
N VAL C 11 -44.61 9.91 1.16
CA VAL C 11 -43.19 9.73 1.44
C VAL C 11 -42.37 9.87 0.18
N GLY C 12 -42.87 9.29 -0.92
CA GLY C 12 -42.15 9.40 -2.18
C GLY C 12 -42.04 10.83 -2.69
N GLU C 13 -43.13 11.59 -2.62
CA GLU C 13 -43.06 12.98 -3.08
C GLU C 13 -42.06 13.77 -2.25
N GLU C 14 -42.07 13.59 -0.93
CA GLU C 14 -41.08 14.27 -0.10
C GLU C 14 -39.67 13.81 -0.44
N LEU C 15 -39.50 12.55 -0.82
CA LEU C 15 -38.18 12.08 -1.25
C LEU C 15 -37.73 12.80 -2.52
N LEU C 16 -38.65 13.02 -3.46
CA LEU C 16 -38.30 13.75 -4.67
C LEU C 16 -37.85 15.16 -4.32
N LEU C 17 -38.58 15.82 -3.42
CA LEU C 17 -38.17 17.16 -3.00
C LEU C 17 -36.79 17.13 -2.36
N LEU C 18 -36.52 16.12 -1.53
CA LEU C 18 -35.20 16.02 -0.89
C LEU C 18 -34.10 15.82 -1.93
N ALA C 19 -34.35 15.00 -2.95
CA ALA C 19 -33.36 14.79 -3.99
C ALA C 19 -33.09 16.09 -4.75
N ALA C 20 -34.14 16.86 -5.04
CA ALA C 20 -33.95 18.16 -5.67
C ALA C 20 -33.10 19.07 -4.79
N TYR C 21 -33.35 19.05 -3.48
CA TYR C 21 -32.54 19.86 -2.57
C TYR C 21 -31.09 19.41 -2.60
N LEU C 22 -30.85 18.10 -2.65
CA LEU C 22 -29.48 17.60 -2.70
C LEU C 22 -28.78 18.07 -3.97
N LEU C 23 -29.47 18.02 -5.11
CA LEU C 23 -28.87 18.49 -6.34
C LEU C 23 -28.57 19.98 -6.30
N SER C 24 -29.51 20.78 -5.77
CA SER C 24 -29.27 22.21 -5.67
C SER C 24 -28.11 22.52 -4.74
N SER C 25 -28.04 21.81 -3.60
CA SER C 25 -26.93 22.02 -2.67
C SER C 25 -25.60 21.64 -3.32
N GLY C 26 -25.58 20.55 -4.07
CA GLY C 26 -24.36 20.18 -4.78
C GLY C 26 -23.93 21.24 -5.77
N ARG C 27 -24.86 21.72 -6.59
CA ARG C 27 -24.51 22.75 -7.55
C ARG C 27 -24.01 24.02 -6.85
N GLY C 28 -24.66 24.39 -5.75
CA GLY C 28 -24.26 25.60 -5.04
C GLY C 28 -22.93 25.47 -4.32
N LEU C 29 -22.59 24.26 -3.88
CA LEU C 29 -21.38 24.08 -3.09
C LEU C 29 -20.12 24.53 -3.81
N LEU C 30 -20.15 24.58 -5.15
CA LEU C 30 -19.02 25.11 -5.89
C LEU C 30 -18.77 26.57 -5.56
N ASP C 31 -19.84 27.36 -5.48
CA ASP C 31 -19.70 28.76 -5.11
C ASP C 31 -19.42 28.91 -3.62
N GLU C 32 -20.12 28.15 -2.79
CA GLU C 32 -19.94 28.25 -1.35
C GLU C 32 -18.57 27.72 -0.94
N PRO C 33 -18.03 28.20 0.18
CA PRO C 33 -16.70 27.74 0.61
C PRO C 33 -16.68 26.24 0.90
N ARG C 34 -15.47 25.73 1.17
CA ARG C 34 -15.29 24.31 1.43
C ARG C 34 -16.03 23.86 2.67
N GLN C 35 -15.99 24.68 3.73
CA GLN C 35 -16.58 24.29 5.00
C GLN C 35 -18.08 24.05 4.90
N TYR C 36 -18.73 24.58 3.86
CA TYR C 36 -20.17 24.41 3.71
C TYR C 36 -20.54 23.00 3.23
N GLY C 37 -19.60 22.22 2.71
CA GLY C 37 -19.93 20.88 2.28
C GLY C 37 -20.45 20.02 3.41
N THR C 38 -19.74 20.02 4.54
CA THR C 38 -20.16 19.23 5.69
C THR C 38 -21.48 19.73 6.24
N PHE C 39 -21.69 21.05 6.26
CA PHE C 39 -22.94 21.59 6.77
C PHE C 39 -24.11 21.23 5.88
N ARG C 40 -23.91 21.25 4.56
CA ARG C 40 -24.98 20.83 3.67
C ARG C 40 -25.29 19.35 3.83
N CYS C 41 -24.25 18.53 4.02
CA CYS C 41 -24.47 17.12 4.31
C CYS C 41 -25.25 16.93 5.60
N LEU C 42 -24.90 17.68 6.65
CA LEU C 42 -25.58 17.57 7.94
C LEU C 42 -27.03 18.06 7.84
N ASP C 43 -27.25 19.13 7.10
CA ASP C 43 -28.61 19.62 6.83
C ASP C 43 -29.44 18.54 6.15
N ALA C 44 -28.88 17.92 5.12
CA ALA C 44 -29.58 16.83 4.45
C ALA C 44 -29.83 15.68 5.40
N ALA C 45 -28.89 15.41 6.32
CA ALA C 45 -29.07 14.35 7.29
C ALA C 45 -30.30 14.61 8.16
N ARG C 46 -30.42 15.82 8.69
CA ARG C 46 -31.58 16.11 9.54
C ARG C 46 -32.86 16.14 8.73
N ARG C 47 -32.81 16.57 7.46
CA ARG C 47 -34.00 16.50 6.62
C ARG C 47 -34.46 15.05 6.41
N VAL C 48 -33.51 14.15 6.14
CA VAL C 48 -33.84 12.74 5.98
C VAL C 48 -34.44 12.18 7.25
N LEU C 49 -33.84 12.52 8.40
CA LEU C 49 -34.40 12.06 9.67
C LEU C 49 -35.78 12.63 9.92
N ALA C 50 -36.04 13.85 9.44
CA ALA C 50 -37.39 14.39 9.53
C ALA C 50 -38.37 13.54 8.73
N LEU C 51 -37.98 13.12 7.52
CA LEU C 51 -38.85 12.25 6.75
C LEU C 51 -39.09 10.93 7.46
N ALA C 52 -38.04 10.37 8.07
CA ALA C 52 -38.15 9.09 8.74
C ALA C 52 -38.72 9.18 10.15
N ALA C 53 -39.00 10.40 10.65
CA ALA C 53 -39.50 10.54 12.00
C ALA C 53 -40.92 9.99 12.14
N GLY C 54 -41.77 10.22 11.15
CA GLY C 54 -43.15 9.82 11.23
C GLY C 54 -43.47 8.51 10.54
N THR C 55 -42.53 7.98 9.78
CA THR C 55 -42.72 6.74 9.03
C THR C 55 -41.77 5.63 9.42
N GLY C 56 -40.51 5.96 9.72
CA GLY C 56 -39.53 4.96 10.06
C GLY C 56 -39.62 4.54 11.50
N PRO C 57 -38.70 3.66 11.91
CA PRO C 57 -38.73 3.16 13.29
C PRO C 57 -38.60 4.30 14.29
N HIS C 58 -39.36 4.20 15.38
CA HIS C 58 -39.36 5.21 16.43
C HIS C 58 -38.37 4.78 17.50
N HIS C 59 -37.29 5.55 17.65
CA HIS C 59 -36.26 5.28 18.64
C HIS C 59 -35.98 6.56 19.41
N PRO C 60 -35.91 6.53 20.74
CA PRO C 60 -35.65 7.78 21.48
C PRO C 60 -34.36 8.46 21.06
N GLU C 61 -33.31 7.69 20.82
CA GLU C 61 -32.04 8.28 20.41
C GLU C 61 -32.15 8.96 19.05
N LEU C 62 -33.05 8.47 18.18
CA LEU C 62 -33.27 9.15 16.91
C LEU C 62 -33.82 10.55 17.13
N ASP C 63 -34.79 10.68 18.03
CA ASP C 63 -35.33 12.00 18.34
C ASP C 63 -34.26 12.90 18.94
N ALA C 64 -33.43 12.35 19.83
CA ALA C 64 -32.34 13.15 20.41
C ALA C 64 -31.38 13.62 19.33
N LEU C 65 -31.02 12.73 18.40
CA LEU C 65 -30.11 13.08 17.32
C LEU C 65 -30.70 14.16 16.41
N ARG C 66 -31.97 14.01 16.06
CA ARG C 66 -32.62 15.01 15.24
C ARG C 66 -32.62 16.36 15.92
N GLY C 67 -32.87 16.37 17.24
CA GLY C 67 -32.78 17.60 17.99
C GLY C 67 -31.38 18.20 17.97
N ARG C 68 -30.36 17.35 18.07
CA ARG C 68 -28.98 17.83 18.01
C ARG C 68 -28.72 18.55 16.69
N MET C 69 -29.06 17.91 15.57
CA MET C 69 -28.85 18.53 14.27
C MET C 69 -29.71 19.78 14.11
N ASP C 70 -30.92 19.75 14.64
CA ASP C 70 -31.78 20.94 14.59
C ASP C 70 -31.11 22.11 15.29
N ASP C 71 -30.57 21.87 16.50
CA ASP C 71 -29.87 22.92 17.22
C ASP C 71 -28.67 23.43 16.42
N VAL C 72 -27.94 22.53 15.79
CA VAL C 72 -26.71 22.94 15.10
C VAL C 72 -27.04 23.78 13.87
N MET C 73 -27.84 23.22 12.95
CA MET C 73 -28.14 23.93 11.71
C MET C 73 -29.03 25.14 11.97
N CYS C 74 -30.21 24.91 12.55
CA CYS C 74 -31.16 25.98 12.79
C CYS C 74 -30.67 26.88 13.93
N GLY C 75 -31.31 28.02 14.07
CA GLY C 75 -31.00 28.95 15.14
C GLY C 75 -29.65 29.60 14.98
N PRO C 76 -28.85 29.62 16.06
CA PRO C 76 -27.60 30.37 16.03
C PRO C 76 -26.63 29.81 15.00
N MET C 77 -25.87 30.71 14.39
CA MET C 77 -24.85 30.35 13.41
C MET C 77 -23.46 30.67 13.97
N GLY C 78 -22.51 29.79 13.71
CA GLY C 78 -21.15 29.95 14.16
C GLY C 78 -20.74 28.85 15.11
N ASP C 79 -19.46 28.90 15.50
CA ASP C 79 -18.89 27.92 16.43
C ASP C 79 -19.07 26.54 15.81
N HIS C 80 -19.72 25.59 16.49
CA HIS C 80 -20.09 24.32 15.87
C HIS C 80 -18.90 23.64 15.20
N GLU C 81 -17.83 23.46 15.97
CA GLU C 81 -16.70 22.69 15.46
C GLU C 81 -17.21 21.39 14.86
N LEU C 82 -16.81 21.11 13.62
CA LEU C 82 -17.48 20.05 12.88
C LEU C 82 -16.80 18.70 12.98
N ASP C 83 -15.48 18.62 13.12
CA ASP C 83 -14.89 17.29 13.21
C ASP C 83 -15.46 16.52 14.39
N THR C 84 -15.40 17.11 15.58
CA THR C 84 -15.93 16.45 16.78
C THR C 84 -17.45 16.30 16.70
N LEU C 85 -18.14 17.34 16.26
CA LEU C 85 -19.60 17.31 16.22
C LEU C 85 -20.11 16.23 15.29
N LEU C 86 -19.59 16.21 14.05
CA LEU C 86 -19.99 15.19 13.09
C LEU C 86 -19.63 13.80 13.57
N ASP C 87 -18.43 13.63 14.11
CA ASP C 87 -18.05 12.32 14.64
C ASP C 87 -19.04 11.84 15.68
N GLN C 88 -19.37 12.71 16.64
CA GLN C 88 -20.28 12.32 17.72
C GLN C 88 -21.67 11.96 17.18
N MET C 89 -22.22 12.83 16.31
CA MET C 89 -23.54 12.58 15.78
C MET C 89 -23.60 11.27 15.01
N CYS C 90 -22.62 11.05 14.14
CA CYS C 90 -22.60 9.84 13.33
C CYS C 90 -22.44 8.60 14.20
N GLU C 91 -21.60 8.68 15.24
CA GLU C 91 -21.43 7.54 16.14
C GLU C 91 -22.73 7.18 16.83
N ARG C 92 -23.47 8.19 17.29
CA ARG C 92 -24.74 7.93 17.94
C ARG C 92 -25.72 7.28 16.97
N LEU C 93 -25.80 7.79 15.74
CA LEU C 93 -26.65 7.15 14.76
C LEU C 93 -26.21 5.71 14.52
N ALA C 94 -24.90 5.45 14.60
CA ALA C 94 -24.40 4.09 14.46
C ALA C 94 -24.95 3.18 15.55
N THR C 95 -24.92 3.65 16.80
CA THR C 95 -25.52 2.86 17.86
C THR C 95 -26.98 2.58 17.56
N VAL C 96 -27.70 3.58 17.03
CA VAL C 96 -29.11 3.39 16.74
C VAL C 96 -29.31 2.30 15.70
N LEU C 97 -28.50 2.32 14.63
CA LEU C 97 -28.74 1.40 13.52
C LEU C 97 -28.51 -0.05 13.90
N GLU C 98 -27.62 -0.32 14.85
CA GLU C 98 -27.32 -1.70 15.21
C GLU C 98 -28.45 -2.39 15.96
N ASP C 99 -29.47 -1.66 16.40
CA ASP C 99 -30.58 -2.28 17.12
C ASP C 99 -31.32 -3.22 16.19
N PRO C 100 -31.60 -4.46 16.59
CA PRO C 100 -32.34 -5.36 15.69
C PRO C 100 -33.69 -4.82 15.27
N ASP C 101 -34.40 -4.13 16.17
CA ASP C 101 -35.70 -3.57 15.81
C ASP C 101 -35.55 -2.43 14.81
N VAL C 102 -34.48 -1.64 14.92
CA VAL C 102 -34.31 -0.50 14.02
C VAL C 102 -34.14 -0.96 12.58
N ILE C 103 -33.28 -1.97 12.37
CA ILE C 103 -33.06 -2.55 11.04
C ILE C 103 -33.20 -4.06 11.15
N SER C 104 -34.09 -4.63 10.35
CA SER C 104 -34.32 -6.07 10.38
C SER C 104 -33.29 -6.82 9.55
N ASP C 105 -33.25 -6.55 8.25
CA ASP C 105 -32.30 -7.21 7.35
C ASP C 105 -32.21 -6.48 6.02
N GLU D 7 -44.63 -1.99 4.31
CA GLU D 7 -43.89 -1.33 3.24
C GLU D 7 -43.29 -0.01 3.73
N VAL D 8 -44.07 0.73 4.53
CA VAL D 8 -43.61 2.01 5.05
C VAL D 8 -42.38 1.81 5.95
N ARG D 9 -42.39 0.73 6.74
CA ARG D 9 -41.28 0.48 7.66
C ARG D 9 -39.98 0.22 6.91
N GLN D 10 -40.04 -0.52 5.80
CA GLN D 10 -38.84 -0.75 5.00
C GLN D 10 -38.27 0.55 4.47
N VAL D 11 -39.14 1.44 3.98
CA VAL D 11 -38.69 2.75 3.51
C VAL D 11 -38.02 3.52 4.63
N GLY D 12 -38.61 3.47 5.83
CA GLY D 12 -38.01 4.16 6.97
C GLY D 12 -36.65 3.60 7.33
N GLU D 13 -36.50 2.28 7.29
CA GLU D 13 -35.20 1.67 7.57
C GLU D 13 -34.15 2.13 6.58
N GLU D 14 -34.49 2.13 5.29
CA GLU D 14 -33.55 2.60 4.29
C GLU D 14 -33.28 4.09 4.46
N LEU D 15 -34.25 4.84 4.97
CA LEU D 15 -34.01 6.25 5.30
C LEU D 15 -32.98 6.40 6.41
N LEU D 16 -33.06 5.54 7.43
CA LEU D 16 -32.07 5.58 8.50
C LEU D 16 -30.67 5.30 7.96
N LEU D 17 -30.54 4.29 7.10
CA LEU D 17 -29.24 4.01 6.51
C LEU D 17 -28.76 5.16 5.64
N LEU D 18 -29.68 5.78 4.90
CA LEU D 18 -29.34 6.94 4.10
C LEU D 18 -28.84 8.10 4.95
N ALA D 19 -29.50 8.34 6.09
CA ALA D 19 -29.06 9.40 6.99
C ALA D 19 -27.69 9.11 7.55
N ALA D 20 -27.41 7.84 7.87
CA ALA D 20 -26.08 7.47 8.32
C ALA D 20 -25.05 7.74 7.22
N TYR D 21 -25.40 7.42 5.97
CA TYR D 21 -24.48 7.72 4.88
C TYR D 21 -24.22 9.21 4.74
N LEU D 22 -25.28 10.02 4.86
CA LEU D 22 -25.10 11.47 4.75
C LEU D 22 -24.21 12.00 5.87
N LEU D 23 -24.41 11.50 7.09
CA LEU D 23 -23.55 11.91 8.20
C LEU D 23 -22.11 11.49 7.98
N SER D 24 -21.89 10.27 7.49
CA SER D 24 -20.55 9.81 7.21
C SER D 24 -19.90 10.67 6.13
N SER D 25 -20.67 11.02 5.10
CA SER D 25 -20.14 11.91 4.07
C SER D 25 -19.79 13.28 4.65
N GLY D 26 -20.62 13.80 5.54
CA GLY D 26 -20.31 15.08 6.16
C GLY D 26 -19.01 15.02 6.94
N ARG D 27 -18.82 13.97 7.74
CA ARG D 27 -17.56 13.83 8.46
C ARG D 27 -16.40 13.66 7.50
N GLY D 28 -16.60 12.88 6.43
CA GLY D 28 -15.52 12.61 5.50
C GLY D 28 -15.05 13.85 4.75
N LEU D 29 -15.99 14.74 4.42
CA LEU D 29 -15.63 15.91 3.60
C LEU D 29 -14.62 16.81 4.30
N LEU D 30 -14.45 16.67 5.61
CA LEU D 30 -13.44 17.42 6.33
C LEU D 30 -12.02 16.95 6.02
N ASP D 31 -11.88 15.87 5.26
CA ASP D 31 -10.59 15.35 4.81
C ASP D 31 -10.50 15.16 3.31
N GLU D 32 -11.63 15.08 2.60
CA GLU D 32 -11.62 14.87 1.16
C GLU D 32 -11.21 16.14 0.44
N PRO D 33 -10.81 16.04 -0.83
CA PRO D 33 -10.45 17.27 -1.57
C PRO D 33 -11.63 18.21 -1.74
N ARG D 34 -11.39 19.38 -2.33
CA ARG D 34 -12.41 20.42 -2.39
C ARG D 34 -13.61 20.01 -3.21
N GLN D 35 -13.41 19.19 -4.24
CA GLN D 35 -14.44 18.96 -5.24
C GLN D 35 -15.46 17.89 -4.86
N TYR D 36 -15.27 17.19 -3.74
CA TYR D 36 -16.19 16.14 -3.36
C TYR D 36 -17.45 16.66 -2.70
N GLY D 37 -17.51 17.95 -2.36
CA GLY D 37 -18.74 18.49 -1.82
C GLY D 37 -19.93 18.29 -2.74
N THR D 38 -19.73 18.50 -4.04
CA THR D 38 -20.79 18.25 -5.01
C THR D 38 -20.95 16.78 -5.33
N PHE D 39 -19.85 16.03 -5.37
CA PHE D 39 -19.93 14.62 -5.75
C PHE D 39 -20.70 13.81 -4.73
N ARG D 40 -20.48 14.07 -3.44
CA ARG D 40 -21.23 13.35 -2.41
C ARG D 40 -22.70 13.73 -2.44
N CYS D 41 -23.01 15.00 -2.72
CA CYS D 41 -24.40 15.40 -2.88
C CYS D 41 -25.05 14.67 -4.05
N LEU D 42 -24.32 14.54 -5.17
CA LEU D 42 -24.85 13.82 -6.33
C LEU D 42 -25.08 12.35 -6.01
N ASP D 43 -24.13 11.73 -5.30
CA ASP D 43 -24.29 10.34 -4.87
C ASP D 43 -25.52 10.17 -4.02
N ALA D 44 -25.68 11.03 -3.02
CA ALA D 44 -26.86 10.97 -2.15
C ALA D 44 -28.13 11.22 -2.95
N ALA D 45 -28.06 12.10 -3.94
CA ALA D 45 -29.23 12.38 -4.77
C ALA D 45 -29.66 11.14 -5.54
N ARG D 46 -28.71 10.43 -6.15
CA ARG D 46 -29.09 9.22 -6.87
C ARG D 46 -29.58 8.12 -5.93
N ARG D 47 -29.01 8.03 -4.73
CA ARG D 47 -29.51 7.09 -3.75
C ARG D 47 -30.96 7.40 -3.39
N VAL D 48 -31.24 8.68 -3.13
CA VAL D 48 -32.60 9.10 -2.78
C VAL D 48 -33.55 8.82 -3.93
N LEU D 49 -33.09 9.06 -5.16
CA LEU D 49 -33.96 8.84 -6.31
C LEU D 49 -34.23 7.35 -6.53
N ALA D 50 -33.24 6.50 -6.28
CA ALA D 50 -33.50 5.06 -6.32
C ALA D 50 -34.55 4.68 -5.29
N LEU D 51 -34.38 5.13 -4.06
CA LEU D 51 -35.34 4.82 -3.01
C LEU D 51 -36.72 5.35 -3.37
N ALA D 52 -36.79 6.58 -3.89
CA ALA D 52 -38.07 7.18 -4.23
C ALA D 52 -38.73 6.49 -5.41
N ALA D 53 -37.94 6.09 -6.41
CA ALA D 53 -38.49 5.30 -7.50
C ALA D 53 -39.03 3.97 -7.00
N GLY D 54 -38.51 3.49 -5.87
CA GLY D 54 -39.03 2.26 -5.30
C GLY D 54 -40.50 2.36 -4.95
N THR D 55 -40.90 3.45 -4.28
CA THR D 55 -42.24 3.54 -3.70
C THR D 55 -42.98 4.79 -4.12
N GLY D 56 -42.25 5.89 -4.30
CA GLY D 56 -42.83 7.17 -4.63
C GLY D 56 -43.35 7.30 -6.04
N PRO D 57 -43.70 8.52 -6.43
CA PRO D 57 -44.29 8.74 -7.77
C PRO D 57 -43.35 8.31 -8.87
N HIS D 58 -43.93 7.76 -9.94
CA HIS D 58 -43.19 7.29 -11.10
C HIS D 58 -43.31 8.29 -12.23
N HIS D 59 -42.19 8.66 -12.82
CA HIS D 59 -42.16 9.56 -13.96
C HIS D 59 -40.98 9.13 -14.84
N PRO D 60 -41.18 9.00 -16.15
CA PRO D 60 -40.06 8.53 -17.01
C PRO D 60 -38.84 9.42 -16.91
N GLU D 61 -39.03 10.74 -16.85
CA GLU D 61 -37.90 11.65 -16.75
C GLU D 61 -37.12 11.44 -15.46
N LEU D 62 -37.80 11.03 -14.38
CA LEU D 62 -37.08 10.72 -13.15
C LEU D 62 -36.17 9.52 -13.32
N ASP D 63 -36.64 8.50 -14.05
CA ASP D 63 -35.78 7.37 -14.36
C ASP D 63 -34.59 7.81 -15.21
N ALA D 64 -34.81 8.73 -16.14
CA ALA D 64 -33.70 9.27 -16.91
C ALA D 64 -32.69 9.98 -16.01
N LEU D 65 -33.18 10.75 -15.04
CA LEU D 65 -32.29 11.41 -14.09
C LEU D 65 -31.45 10.40 -13.33
N ARG D 66 -32.09 9.34 -12.82
CA ARG D 66 -31.36 8.34 -12.07
C ARG D 66 -30.33 7.64 -12.95
N GLY D 67 -30.67 7.36 -14.20
CA GLY D 67 -29.72 6.74 -15.11
C GLY D 67 -28.52 7.62 -15.37
N ARG D 68 -28.74 8.93 -15.56
CA ARG D 68 -27.63 9.84 -15.76
C ARG D 68 -26.72 9.90 -14.53
N MET D 69 -27.32 9.96 -13.34
CA MET D 69 -26.51 9.97 -12.13
C MET D 69 -25.73 8.68 -11.98
N ASP D 70 -26.33 7.54 -12.33
CA ASP D 70 -25.63 6.27 -12.28
C ASP D 70 -24.45 6.26 -13.23
N ASP D 71 -24.64 6.79 -14.45
CA ASP D 71 -23.53 6.87 -15.39
C ASP D 71 -22.41 7.76 -14.84
N VAL D 72 -22.78 8.87 -14.21
CA VAL D 72 -21.76 9.79 -13.68
C VAL D 72 -20.95 9.12 -12.58
N MET D 73 -21.63 8.45 -11.65
CA MET D 73 -20.98 7.95 -10.45
C MET D 73 -20.43 6.53 -10.63
N CYS D 74 -21.32 5.57 -10.89
CA CYS D 74 -20.92 4.18 -11.00
C CYS D 74 -19.99 3.92 -12.19
N GLY D 75 -19.88 4.87 -13.11
CA GLY D 75 -19.06 4.69 -14.28
C GLY D 75 -17.67 5.27 -14.12
N PRO D 76 -16.95 5.41 -15.24
CA PRO D 76 -15.58 5.92 -15.18
C PRO D 76 -15.53 7.31 -14.55
N MET D 77 -14.46 7.57 -13.81
CA MET D 77 -14.26 8.82 -13.12
C MET D 77 -13.20 9.64 -13.83
N GLY D 78 -13.43 10.95 -13.90
CA GLY D 78 -12.54 11.86 -14.60
C GLY D 78 -13.21 12.46 -15.83
N ASP D 79 -12.64 13.58 -16.28
CA ASP D 79 -13.15 14.30 -17.45
C ASP D 79 -14.62 14.67 -17.27
N HIS D 80 -14.97 15.08 -16.06
CA HIS D 80 -16.33 15.47 -15.72
C HIS D 80 -16.37 16.95 -15.34
N GLU D 81 -17.26 17.69 -15.99
CA GLU D 81 -17.54 19.07 -15.66
C GLU D 81 -18.77 19.14 -14.77
N LEU D 82 -18.69 19.93 -13.70
CA LEU D 82 -19.76 20.02 -12.71
C LEU D 82 -20.64 21.25 -12.85
N ASP D 83 -20.12 22.33 -13.47
CA ASP D 83 -20.92 23.55 -13.60
C ASP D 83 -22.15 23.31 -14.46
N THR D 84 -21.98 22.69 -15.63
CA THR D 84 -23.06 22.52 -16.57
C THR D 84 -23.89 21.27 -16.28
N LEU D 85 -23.22 20.15 -15.99
CA LEU D 85 -23.94 18.89 -15.75
C LEU D 85 -24.97 19.03 -14.65
N LEU D 86 -24.53 19.54 -13.49
CA LEU D 86 -25.45 19.75 -12.38
C LEU D 86 -26.58 20.69 -12.76
N ASP D 87 -26.30 21.68 -13.61
CA ASP D 87 -27.35 22.60 -14.03
C ASP D 87 -28.45 21.88 -14.79
N GLN D 88 -28.08 21.07 -15.79
CA GLN D 88 -29.08 20.33 -16.54
C GLN D 88 -29.82 19.34 -15.66
N MET D 89 -29.11 18.65 -14.78
CA MET D 89 -29.77 17.69 -13.89
C MET D 89 -30.79 18.39 -13.01
N CYS D 90 -30.39 19.49 -12.37
CA CYS D 90 -31.29 20.21 -11.49
C CYS D 90 -32.48 20.79 -12.25
N GLU D 91 -32.22 21.34 -13.45
CA GLU D 91 -33.31 21.91 -14.23
C GLU D 91 -34.30 20.84 -14.69
N ARG D 92 -33.78 19.69 -15.13
CA ARG D 92 -34.67 18.61 -15.53
C ARG D 92 -35.51 18.11 -14.37
N LEU D 93 -34.87 17.90 -13.22
CA LEU D 93 -35.64 17.48 -12.06
C LEU D 93 -36.68 18.53 -11.70
N ALA D 94 -36.28 19.80 -11.68
CA ALA D 94 -37.22 20.89 -11.40
C ALA D 94 -38.42 20.81 -12.35
N THR D 95 -38.15 20.76 -13.65
CA THR D 95 -39.23 20.66 -14.63
C THR D 95 -40.16 19.51 -14.32
N VAL D 96 -39.59 18.35 -13.95
CA VAL D 96 -40.42 17.22 -13.56
C VAL D 96 -41.29 17.60 -12.37
N LEU D 97 -40.68 18.16 -11.33
CA LEU D 97 -41.42 18.52 -10.12
C LEU D 97 -42.50 19.56 -10.41
N GLU D 98 -42.28 20.41 -11.41
CA GLU D 98 -43.31 21.39 -11.77
C GLU D 98 -44.54 20.73 -12.34
N ASP D 99 -44.43 19.49 -12.80
CA ASP D 99 -45.59 18.73 -13.25
C ASP D 99 -46.55 18.58 -12.09
N PRO D 100 -47.80 19.04 -12.22
CA PRO D 100 -48.75 18.91 -11.10
C PRO D 100 -49.05 17.47 -10.70
N ASP D 101 -48.69 16.49 -11.53
CA ASP D 101 -48.98 15.09 -11.23
C ASP D 101 -47.88 14.42 -10.42
N VAL D 102 -46.60 14.63 -10.78
CA VAL D 102 -45.53 13.97 -10.05
C VAL D 102 -45.51 14.43 -8.59
N ILE D 103 -45.68 15.73 -8.36
CA ILE D 103 -45.65 16.29 -7.03
C ILE D 103 -47.05 16.76 -6.69
N SER D 104 -47.38 16.70 -5.39
CA SER D 104 -48.70 17.06 -4.90
C SER D 104 -48.63 18.38 -4.15
N ASP D 105 -49.62 19.25 -4.41
CA ASP D 105 -49.68 20.54 -3.75
C ASP D 105 -49.97 20.38 -2.27
N GLU E 7 49.76 -7.49 -3.78
CA GLU E 7 48.99 -6.72 -2.80
C GLU E 7 47.55 -7.20 -2.75
N VAL E 8 47.07 -7.73 -3.88
CA VAL E 8 45.69 -8.19 -3.96
C VAL E 8 45.46 -9.38 -3.03
N ARG E 9 46.45 -10.26 -2.92
CA ARG E 9 46.30 -11.43 -2.05
C ARG E 9 46.16 -11.01 -0.59
N GLN E 10 46.99 -10.07 -0.14
CA GLN E 10 46.90 -9.62 1.24
C GLN E 10 45.54 -8.99 1.52
N VAL E 11 45.01 -8.24 0.57
CA VAL E 11 43.68 -7.66 0.74
C VAL E 11 42.65 -8.77 0.95
N GLY E 12 42.79 -9.86 0.21
CA GLY E 12 41.86 -10.97 0.39
C GLY E 12 41.95 -11.60 1.77
N GLU E 13 43.18 -11.78 2.28
CA GLU E 13 43.34 -12.36 3.61
C GLU E 13 42.67 -11.51 4.67
N GLU E 14 42.89 -10.19 4.62
CA GLU E 14 42.23 -9.30 5.57
C GLU E 14 40.73 -9.32 5.40
N LEU E 15 40.25 -9.60 4.17
CA LEU E 15 38.81 -9.73 3.96
C LEU E 15 38.26 -10.95 4.68
N LEU E 16 39.01 -12.05 4.69
CA LEU E 16 38.56 -13.24 5.40
C LEU E 16 38.47 -13.00 6.90
N LEU E 17 39.45 -12.29 7.46
CA LEU E 17 39.40 -11.94 8.88
C LEU E 17 38.20 -11.04 9.18
N LEU E 18 37.92 -10.09 8.29
CA LEU E 18 36.77 -9.22 8.46
C LEU E 18 35.47 -10.00 8.43
N ALA E 19 35.37 -10.96 7.49
CA ALA E 19 34.17 -11.78 7.41
C ALA E 19 33.97 -12.60 8.68
N ALA E 20 35.06 -13.15 9.22
CA ALA E 20 34.97 -13.89 10.48
C ALA E 20 34.53 -12.97 11.61
N TYR E 21 35.00 -11.72 11.60
CA TYR E 21 34.54 -10.76 12.59
C TYR E 21 33.07 -10.44 12.43
N LEU E 22 32.56 -10.42 11.20
CA LEU E 22 31.14 -10.17 10.98
C LEU E 22 30.28 -11.33 11.49
N LEU E 23 30.74 -12.56 11.29
CA LEU E 23 30.01 -13.71 11.80
C LEU E 23 30.03 -13.75 13.32
N SER E 24 31.18 -13.48 13.93
CA SER E 24 31.27 -13.48 15.39
C SER E 24 30.43 -12.36 15.99
N SER E 25 30.44 -11.18 15.35
CA SER E 25 29.61 -10.08 15.84
C SER E 25 28.13 -10.43 15.76
N GLY E 26 27.71 -11.06 14.66
CA GLY E 26 26.32 -11.47 14.55
C GLY E 26 25.91 -12.44 15.63
N ARG E 27 26.68 -13.51 15.81
CA ARG E 27 26.36 -14.49 16.84
C ARG E 27 26.29 -13.83 18.22
N GLY E 28 27.22 -12.93 18.50
CA GLY E 28 27.22 -12.27 19.79
C GLY E 28 26.07 -11.31 19.99
N LEU E 29 25.59 -10.70 18.91
CA LEU E 29 24.56 -9.67 19.02
C LEU E 29 23.29 -10.20 19.67
N LEU E 30 23.08 -11.52 19.66
CA LEU E 30 21.94 -12.10 20.36
C LEU E 30 22.04 -11.84 21.86
N ASP E 31 23.23 -12.03 22.43
CA ASP E 31 23.43 -11.78 23.85
C ASP E 31 23.47 -10.29 24.15
N GLU E 32 24.18 -9.52 23.31
CA GLU E 32 24.30 -8.09 23.55
C GLU E 32 22.96 -7.39 23.30
N PRO E 33 22.75 -6.24 23.93
CA PRO E 33 21.47 -5.53 23.78
C PRO E 33 21.24 -5.07 22.34
N ARG E 34 20.03 -4.53 22.12
CA ARG E 34 19.63 -4.10 20.78
C ARG E 34 20.50 -2.95 20.28
N GLN E 35 20.85 -2.01 21.17
CA GLN E 35 21.58 -0.83 20.75
C GLN E 35 22.95 -1.17 20.18
N TYR E 36 23.52 -2.32 20.54
CA TYR E 36 24.81 -2.73 20.01
C TYR E 36 24.75 -3.11 18.54
N GLY E 37 23.54 -3.39 18.01
CA GLY E 37 23.45 -3.74 16.60
C GLY E 37 24.00 -2.65 15.71
N THR E 38 23.64 -1.40 15.99
CA THR E 38 24.19 -0.29 15.24
C THR E 38 25.69 -0.13 15.50
N PHE E 39 26.12 -0.32 16.75
CA PHE E 39 27.52 -0.15 17.09
C PHE E 39 28.39 -1.14 16.33
N ARG E 40 27.96 -2.39 16.23
CA ARG E 40 28.75 -3.39 15.51
C ARG E 40 28.82 -3.07 14.03
N CYS E 41 27.72 -2.61 13.45
CA CYS E 41 27.74 -2.23 12.03
C CYS E 41 28.67 -1.05 11.79
N LEU E 42 28.61 -0.04 12.67
CA LEU E 42 29.50 1.10 12.55
C LEU E 42 30.96 0.69 12.75
N ASP E 43 31.19 -0.23 13.69
CA ASP E 43 32.54 -0.73 13.92
C ASP E 43 33.06 -1.46 12.68
N ALA E 44 32.21 -2.24 12.04
CA ALA E 44 32.61 -2.91 10.80
C ALA E 44 32.84 -1.92 9.69
N ALA E 45 32.10 -0.80 9.68
CA ALA E 45 32.26 0.19 8.63
C ALA E 45 33.66 0.77 8.62
N ARG E 46 34.16 1.18 9.79
CA ARG E 46 35.51 1.73 9.86
C ARG E 46 36.57 0.68 9.58
N ARG E 47 36.31 -0.58 9.97
CA ARG E 47 37.23 -1.66 9.64
C ARG E 47 37.35 -1.83 8.13
N VAL E 48 36.22 -1.79 7.42
CA VAL E 48 36.25 -1.92 5.97
C VAL E 48 37.02 -0.76 5.34
N LEU E 49 36.75 0.45 5.80
CA LEU E 49 37.45 1.61 5.28
C LEU E 49 38.95 1.53 5.55
N ALA E 50 39.34 0.88 6.65
CA ALA E 50 40.76 0.68 6.91
C ALA E 50 41.41 -0.15 5.83
N LEU E 51 40.73 -1.22 5.40
CA LEU E 51 41.25 -2.04 4.31
C LEU E 51 41.34 -1.23 3.02
N ALA E 52 40.33 -0.41 2.75
CA ALA E 52 40.30 0.41 1.54
C ALA E 52 41.12 1.68 1.65
N ALA E 53 41.68 1.98 2.83
CA ALA E 53 42.48 3.18 2.98
C ALA E 53 43.75 3.11 2.15
N GLY E 54 44.41 1.95 2.15
CA GLY E 54 45.67 1.80 1.45
C GLY E 54 45.56 1.19 0.07
N THR E 55 44.39 0.68 -0.28
CA THR E 55 44.18 0.01 -1.55
C THR E 55 43.13 0.68 -2.42
N GLY E 56 42.05 1.19 -1.84
CA GLY E 56 40.99 1.80 -2.59
C GLY E 56 41.31 3.24 -2.96
N PRO E 57 40.34 3.90 -3.59
CA PRO E 57 40.55 5.29 -3.99
C PRO E 57 40.85 6.17 -2.79
N HIS E 58 41.77 7.12 -2.98
CA HIS E 58 42.18 8.04 -1.94
C HIS E 58 41.38 9.33 -2.09
N HIS E 59 40.50 9.60 -1.13
CA HIS E 59 39.66 10.78 -1.14
C HIS E 59 39.79 11.49 0.21
N PRO E 60 40.01 12.80 0.24
CA PRO E 60 40.16 13.47 1.54
C PRO E 60 38.97 13.26 2.47
N GLU E 61 37.75 13.27 1.93
CA GLU E 61 36.58 13.07 2.78
C GLU E 61 36.52 11.67 3.35
N LEU E 62 37.12 10.68 2.65
CA LEU E 62 37.18 9.34 3.19
C LEU E 62 38.04 9.28 4.45
N ASP E 63 39.18 9.98 4.44
CA ASP E 63 40.01 10.03 5.63
C ASP E 63 39.28 10.72 6.79
N ALA E 64 38.58 11.82 6.49
CA ALA E 64 37.83 12.51 7.53
C ALA E 64 36.74 11.63 8.12
N LEU E 65 36.03 10.90 7.27
CA LEU E 65 34.99 9.99 7.76
C LEU E 65 35.59 8.90 8.63
N ARG E 66 36.70 8.30 8.19
CA ARG E 66 37.32 7.23 8.98
C ARG E 66 37.70 7.72 10.36
N GLY E 67 38.18 8.96 10.46
CA GLY E 67 38.46 9.54 11.76
C GLY E 67 37.20 9.74 12.58
N ARG E 68 36.07 10.01 11.93
CA ARG E 68 34.82 10.20 12.66
C ARG E 68 34.39 8.91 13.34
N MET E 69 34.39 7.79 12.61
CA MET E 69 34.06 6.52 13.23
C MET E 69 35.13 6.07 14.21
N ASP E 70 36.39 6.45 13.97
CA ASP E 70 37.46 6.14 14.91
C ASP E 70 37.21 6.81 16.26
N ASP E 71 36.82 8.08 16.24
CA ASP E 71 36.53 8.78 17.48
C ASP E 71 35.33 8.17 18.20
N VAL E 72 34.29 7.81 17.45
CA VAL E 72 33.09 7.25 18.05
C VAL E 72 33.39 5.91 18.74
N MET E 73 34.16 5.05 18.06
CA MET E 73 34.41 3.71 18.57
C MET E 73 35.55 3.69 19.59
N CYS E 74 36.75 4.07 19.14
CA CYS E 74 37.92 4.03 20.01
C CYS E 74 37.86 5.06 21.14
N GLY E 75 36.94 6.02 21.07
CA GLY E 75 36.82 7.04 22.09
C GLY E 75 35.96 6.60 23.25
N PRO E 76 35.71 7.51 24.19
CA PRO E 76 34.87 7.16 25.35
C PRO E 76 33.46 6.79 24.92
N MET E 77 32.88 5.83 25.66
CA MET E 77 31.55 5.35 25.36
C MET E 77 30.48 6.31 25.89
N GLY E 78 29.29 6.20 25.33
CA GLY E 78 28.16 6.99 25.79
C GLY E 78 28.05 8.33 25.10
N ASP E 79 27.05 9.10 25.55
CA ASP E 79 26.73 10.41 25.03
C ASP E 79 26.86 10.45 23.50
N HIS E 80 26.14 9.54 22.85
CA HIS E 80 26.11 9.45 21.40
C HIS E 80 24.66 9.38 20.93
N GLU E 81 24.30 10.29 20.03
CA GLU E 81 22.98 10.31 19.41
C GLU E 81 23.10 9.61 18.06
N LEU E 82 22.69 8.34 18.02
CA LEU E 82 22.98 7.50 16.87
C LEU E 82 22.16 7.93 15.64
N ASP E 83 20.90 8.30 15.83
CA ASP E 83 20.05 8.56 14.66
C ASP E 83 20.58 9.74 13.85
N THR E 84 21.04 10.80 14.51
CA THR E 84 21.60 11.94 13.79
C THR E 84 23.02 11.65 13.29
N LEU E 85 23.82 10.94 14.09
CA LEU E 85 25.19 10.66 13.72
C LEU E 85 25.26 9.78 12.48
N LEU E 86 24.44 8.73 12.44
CA LEU E 86 24.45 7.80 11.30
C LEU E 86 23.92 8.47 10.04
N ASP E 87 22.85 9.27 10.16
CA ASP E 87 22.32 9.96 8.99
C ASP E 87 23.34 10.92 8.41
N GLN E 88 24.02 11.69 9.25
CA GLN E 88 25.01 12.64 8.75
C GLN E 88 26.19 11.92 8.10
N MET E 89 26.69 10.86 8.72
CA MET E 89 27.84 10.15 8.16
C MET E 89 27.49 9.50 6.83
N CYS E 90 26.36 8.79 6.78
CA CYS E 90 25.98 8.10 5.55
C CYS E 90 25.76 9.09 4.42
N GLU E 91 25.22 10.27 4.73
CA GLU E 91 25.07 11.32 3.73
C GLU E 91 26.43 11.75 3.19
N ARG E 92 27.41 11.93 4.08
CA ARG E 92 28.73 12.33 3.64
C ARG E 92 29.36 11.28 2.74
N LEU E 93 29.27 10.01 3.14
CA LEU E 93 29.80 8.94 2.30
C LEU E 93 29.08 8.88 0.96
N ALA E 94 27.79 9.21 0.96
CA ALA E 94 27.05 9.25 -0.30
C ALA E 94 27.69 10.24 -1.27
N THR E 95 27.91 11.47 -0.82
CA THR E 95 28.58 12.46 -1.67
C THR E 95 29.88 11.91 -2.23
N VAL E 96 30.64 11.20 -1.38
CA VAL E 96 31.89 10.61 -1.84
C VAL E 96 31.64 9.60 -2.95
N LEU E 97 30.62 8.75 -2.78
CA LEU E 97 30.36 7.71 -3.77
C LEU E 97 29.79 8.29 -5.07
N GLU E 98 29.07 9.41 -4.99
CA GLU E 98 28.61 10.07 -6.21
C GLU E 98 29.77 10.54 -7.08
N ASP E 99 30.92 10.77 -6.47
CA ASP E 99 32.06 11.27 -7.21
C ASP E 99 32.42 10.27 -8.31
N PRO E 100 32.53 10.71 -9.56
CA PRO E 100 32.84 9.75 -10.63
C PRO E 100 34.15 9.03 -10.40
N ASP E 101 35.10 9.64 -9.70
CA ASP E 101 36.36 8.98 -9.40
C ASP E 101 36.23 7.93 -8.31
N VAL E 102 35.31 8.13 -7.35
CA VAL E 102 35.19 7.19 -6.25
C VAL E 102 34.62 5.85 -6.73
N ILE E 103 33.49 5.89 -7.42
CA ILE E 103 32.88 4.71 -8.00
C ILE E 103 32.76 4.93 -9.50
N SER E 104 33.32 4.01 -10.28
CA SER E 104 33.34 4.12 -11.73
C SER E 104 32.10 3.55 -12.38
N ASP E 105 31.74 2.32 -12.02
CA ASP E 105 30.51 1.69 -12.48
C ASP E 105 30.34 0.33 -11.84
N GLU F 7 43.37 -4.37 -10.91
CA GLU F 7 42.62 -5.34 -10.12
C GLU F 7 42.45 -4.85 -8.69
N VAL F 8 43.52 -4.29 -8.13
CA VAL F 8 43.49 -3.83 -6.75
C VAL F 8 42.50 -2.68 -6.60
N ARG F 9 42.44 -1.79 -7.60
CA ARG F 9 41.51 -0.66 -7.52
C ARG F 9 40.07 -1.12 -7.53
N GLN F 10 39.75 -2.14 -8.33
CA GLN F 10 38.39 -2.65 -8.37
C GLN F 10 37.95 -3.16 -7.00
N VAL F 11 38.83 -3.90 -6.32
CA VAL F 11 38.50 -4.41 -4.99
C VAL F 11 38.23 -3.26 -4.03
N GLY F 12 39.07 -2.22 -4.09
CA GLY F 12 38.85 -1.08 -3.21
C GLY F 12 37.53 -0.38 -3.45
N GLU F 13 37.13 -0.25 -4.72
CA GLU F 13 35.85 0.36 -5.03
C GLU F 13 34.70 -0.44 -4.42
N GLU F 14 34.76 -1.76 -4.53
CA GLU F 14 33.73 -2.60 -3.90
C GLU F 14 33.78 -2.48 -2.38
N LEU F 15 34.94 -2.15 -1.82
CA LEU F 15 35.02 -1.96 -0.37
C LEU F 15 34.28 -0.69 0.05
N LEU F 16 34.34 0.36 -0.75
CA LEU F 16 33.61 1.58 -0.41
C LEU F 16 32.11 1.36 -0.43
N LEU F 17 31.61 0.64 -1.44
CA LEU F 17 30.18 0.32 -1.45
C LEU F 17 29.81 -0.59 -0.31
N LEU F 18 30.69 -1.52 0.05
CA LEU F 18 30.45 -2.38 1.20
C LEU F 18 30.38 -1.57 2.49
N ALA F 19 31.27 -0.58 2.64
CA ALA F 19 31.24 0.27 3.82
C ALA F 19 29.97 1.11 3.87
N ALA F 20 29.51 1.57 2.71
CA ALA F 20 28.25 2.30 2.66
C ALA F 20 27.08 1.42 3.04
N TYR F 21 27.10 0.15 2.63
CA TYR F 21 26.06 -0.78 3.03
C TYR F 21 26.08 -1.03 4.53
N LEU F 22 27.27 -1.19 5.10
CA LEU F 22 27.37 -1.40 6.54
C LEU F 22 26.87 -0.19 7.32
N LEU F 23 27.19 1.01 6.84
CA LEU F 23 26.69 2.23 7.49
C LEU F 23 25.19 2.35 7.35
N SER F 24 24.65 2.03 6.16
CA SER F 24 23.21 2.08 5.97
C SER F 24 22.51 1.05 6.85
N SER F 25 23.12 -0.12 7.03
CA SER F 25 22.56 -1.12 7.92
C SER F 25 22.56 -0.63 9.36
N GLY F 26 23.64 0.06 9.77
CA GLY F 26 23.69 0.58 11.12
C GLY F 26 22.58 1.58 11.39
N ARG F 27 22.36 2.50 10.45
CA ARG F 27 21.25 3.44 10.60
C ARG F 27 19.92 2.71 10.58
N GLY F 28 19.79 1.70 9.72
CA GLY F 28 18.53 0.99 9.61
C GLY F 28 18.15 0.25 10.88
N LEU F 29 19.14 -0.36 11.54
CA LEU F 29 18.86 -1.21 12.68
C LEU F 29 18.20 -0.47 13.82
N LEU F 30 18.30 0.87 13.85
CA LEU F 30 17.62 1.64 14.88
C LEU F 30 16.11 1.61 14.74
N ASP F 31 15.60 1.19 13.57
CA ASP F 31 14.18 1.06 13.32
C ASP F 31 13.72 -0.38 13.09
N GLU F 32 14.62 -1.27 12.70
CA GLU F 32 14.26 -2.64 12.41
C GLU F 32 13.98 -3.42 13.70
N PRO F 33 13.26 -4.54 13.62
CA PRO F 33 13.01 -5.33 14.84
C PRO F 33 14.30 -5.85 15.46
N ARG F 34 14.18 -6.51 16.61
CA ARG F 34 15.35 -6.85 17.41
C ARG F 34 16.27 -7.83 16.70
N GLN F 35 15.71 -8.71 15.87
CA GLN F 35 16.44 -9.87 15.38
C GLN F 35 17.28 -9.59 14.13
N TYR F 36 17.22 -8.38 13.58
CA TYR F 36 18.02 -8.08 12.39
C TYR F 36 19.45 -7.66 12.73
N GLY F 37 19.80 -7.57 14.02
CA GLY F 37 21.18 -7.30 14.35
C GLY F 37 22.13 -8.36 13.80
N THR F 38 21.73 -9.63 13.90
CA THR F 38 22.53 -10.71 13.35
C THR F 38 22.32 -10.87 11.85
N PHE F 39 21.07 -10.75 11.40
CA PHE F 39 20.79 -10.99 9.98
C PHE F 39 21.58 -10.04 9.09
N ARG F 40 21.70 -8.78 9.49
CA ARG F 40 22.49 -7.84 8.71
C ARG F 40 23.97 -8.17 8.77
N CYS F 41 24.45 -8.65 9.93
CA CYS F 41 25.84 -9.09 10.02
C CYS F 41 26.09 -10.29 9.10
N LEU F 42 25.13 -11.22 9.06
CA LEU F 42 25.25 -12.36 8.17
C LEU F 42 25.20 -11.94 6.70
N ASP F 43 24.33 -10.97 6.39
CA ASP F 43 24.25 -10.45 5.03
C ASP F 43 25.57 -9.82 4.61
N ALA F 44 26.16 -9.02 5.50
CA ALA F 44 27.46 -8.42 5.21
C ALA F 44 28.54 -9.48 5.10
N ALA F 45 28.46 -10.52 5.91
CA ALA F 45 29.49 -11.56 5.90
C ALA F 45 29.57 -12.25 4.55
N ARG F 46 28.42 -12.60 3.97
CA ARG F 46 28.42 -13.28 2.68
C ARG F 46 28.85 -12.33 1.56
N ARG F 47 28.54 -11.04 1.69
CA ARG F 47 29.04 -10.07 0.72
C ARG F 47 30.57 -9.99 0.75
N VAL F 48 31.15 -9.99 1.95
CA VAL F 48 32.59 -9.94 2.08
C VAL F 48 33.22 -11.21 1.51
N LEU F 49 32.61 -12.37 1.78
CA LEU F 49 33.14 -13.62 1.28
C LEU F 49 33.01 -13.72 -0.24
N ALA F 50 31.94 -13.16 -0.80
CA ALA F 50 31.81 -13.14 -2.26
C ALA F 50 32.90 -12.30 -2.90
N LEU F 51 33.19 -11.15 -2.30
CA LEU F 51 34.29 -10.30 -2.78
C LEU F 51 35.64 -10.98 -2.56
N ALA F 52 35.80 -11.64 -1.41
CA ALA F 52 37.08 -12.26 -1.08
C ALA F 52 37.37 -13.47 -1.93
N ALA F 53 36.34 -14.22 -2.31
CA ALA F 53 36.53 -15.35 -3.21
C ALA F 53 36.95 -14.90 -4.61
N GLY F 54 36.69 -13.64 -4.96
CA GLY F 54 37.09 -13.16 -6.26
C GLY F 54 38.59 -13.02 -6.42
N THR F 55 39.27 -12.53 -5.37
CA THR F 55 40.68 -12.18 -5.47
C THR F 55 41.51 -12.85 -4.37
N GLY F 56 40.94 -12.99 -3.17
CA GLY F 56 41.66 -13.54 -2.05
C GLY F 56 41.88 -15.04 -2.14
N PRO F 57 42.36 -15.63 -1.05
CA PRO F 57 42.69 -17.06 -1.07
C PRO F 57 41.46 -17.92 -1.37
N HIS F 58 41.70 -19.02 -2.07
CA HIS F 58 40.66 -19.96 -2.47
C HIS F 58 40.76 -21.21 -1.61
N HIS F 59 39.64 -21.61 -1.01
CA HIS F 59 39.57 -22.82 -0.20
C HIS F 59 38.18 -23.42 -0.41
N PRO F 60 38.08 -24.74 -0.62
CA PRO F 60 36.76 -25.33 -0.90
C PRO F 60 35.75 -25.10 0.22
N GLU F 61 36.18 -25.16 1.47
CA GLU F 61 35.24 -24.95 2.57
C GLU F 61 34.75 -23.51 2.64
N LEU F 62 35.57 -22.56 2.18
CA LEU F 62 35.11 -21.17 2.13
C LEU F 62 33.95 -21.01 1.15
N ASP F 63 34.02 -21.70 0.00
CA ASP F 63 32.90 -21.68 -0.92
C ASP F 63 31.67 -22.32 -0.30
N ALA F 64 31.86 -23.38 0.50
CA ALA F 64 30.74 -23.99 1.20
C ALA F 64 30.09 -23.01 2.16
N LEU F 65 30.91 -22.23 2.87
CA LEU F 65 30.36 -21.20 3.74
C LEU F 65 29.47 -20.23 2.96
N ARG F 66 29.99 -19.68 1.87
CA ARG F 66 29.24 -18.70 1.10
C ARG F 66 27.94 -19.30 0.57
N GLY F 67 27.96 -20.58 0.20
CA GLY F 67 26.75 -21.22 -0.28
C GLY F 67 25.69 -21.34 0.79
N ARG F 68 26.10 -21.72 2.01
CA ARG F 68 25.15 -21.82 3.11
C ARG F 68 24.56 -20.46 3.46
N MET F 69 25.40 -19.42 3.45
CA MET F 69 24.90 -18.07 3.70
C MET F 69 23.91 -17.63 2.62
N ASP F 70 24.20 -17.96 1.37
CA ASP F 70 23.29 -17.60 0.28
C ASP F 70 21.93 -18.26 0.45
N ASP F 71 21.92 -19.54 0.83
CA ASP F 71 20.65 -20.23 1.06
C ASP F 71 19.87 -19.57 2.19
N VAL F 72 20.56 -19.13 3.25
CA VAL F 72 19.88 -18.55 4.40
C VAL F 72 19.21 -17.23 4.01
N MET F 73 19.92 -16.38 3.29
CA MET F 73 19.46 -15.02 3.03
C MET F 73 18.63 -14.91 1.75
N CYS F 74 19.25 -15.24 0.61
CA CYS F 74 18.54 -15.11 -0.67
C CYS F 74 17.32 -16.02 -0.73
N GLY F 75 17.33 -17.12 0.02
CA GLY F 75 16.28 -18.09 -0.04
C GLY F 75 15.07 -17.70 0.79
N PRO F 76 14.20 -18.67 1.07
CA PRO F 76 13.02 -18.38 1.89
C PRO F 76 13.41 -17.86 3.26
N MET F 77 12.57 -16.97 3.80
CA MET F 77 12.76 -16.43 5.14
C MET F 77 11.74 -17.03 6.08
N GLY F 78 12.17 -17.31 7.31
CA GLY F 78 11.35 -17.94 8.31
C GLY F 78 11.85 -19.32 8.67
N ASP F 79 11.42 -19.80 9.84
CA ASP F 79 11.81 -21.11 10.34
C ASP F 79 13.32 -21.26 10.40
N HIS F 80 14.00 -20.18 10.79
CA HIS F 80 15.45 -20.15 10.90
C HIS F 80 15.85 -19.92 12.35
N GLU F 81 16.77 -20.74 12.84
CA GLU F 81 17.33 -20.58 14.19
C GLU F 81 18.73 -20.01 14.07
N LEU F 82 19.04 -19.05 14.95
CA LEU F 82 20.29 -18.31 14.86
C LEU F 82 21.32 -18.72 15.90
N ASP F 83 20.90 -19.32 17.02
CA ASP F 83 21.86 -19.75 18.03
C ASP F 83 22.81 -20.80 17.49
N THR F 84 22.25 -21.85 16.88
CA THR F 84 23.08 -22.97 16.41
C THR F 84 23.66 -22.69 15.03
N LEU F 85 22.85 -22.15 14.12
CA LEU F 85 23.29 -21.94 12.76
C LEU F 85 24.53 -21.04 12.71
N LEU F 86 24.50 -19.93 13.44
CA LEU F 86 25.66 -19.04 13.48
C LEU F 86 26.87 -19.70 14.13
N ASP F 87 26.63 -20.64 15.06
CA ASP F 87 27.75 -21.31 15.70
C ASP F 87 28.53 -22.18 14.73
N GLN F 88 27.81 -22.99 13.93
CA GLN F 88 28.49 -23.86 12.98
C GLN F 88 29.23 -23.07 11.91
N MET F 89 28.61 -22.00 11.41
CA MET F 89 29.27 -21.19 10.38
C MET F 89 30.52 -20.51 10.93
N CYS F 90 30.44 -19.96 12.15
CA CYS F 90 31.60 -19.32 12.74
C CYS F 90 32.71 -20.32 13.02
N GLU F 91 32.35 -21.53 13.46
CA GLU F 91 33.35 -22.54 13.76
C GLU F 91 34.00 -23.08 12.49
N ARG F 92 33.22 -23.24 11.41
CA ARG F 92 33.79 -23.70 10.15
C ARG F 92 34.76 -22.68 9.58
N LEU F 93 34.39 -21.39 9.64
CA LEU F 93 35.30 -20.35 9.16
C LEU F 93 36.54 -20.26 10.05
N ALA F 94 36.37 -20.45 11.35
CA ALA F 94 37.53 -20.44 12.24
C ALA F 94 38.46 -21.59 11.94
N THR F 95 37.91 -22.78 11.64
CA THR F 95 38.74 -23.92 11.27
C THR F 95 39.51 -23.64 9.98
N VAL F 96 38.84 -23.03 9.00
CA VAL F 96 39.53 -22.69 7.75
C VAL F 96 40.65 -21.70 8.02
N LEU F 97 40.36 -20.64 8.78
CA LEU F 97 41.35 -19.61 9.04
C LEU F 97 42.55 -20.14 9.80
N GLU F 98 42.33 -21.15 10.66
CA GLU F 98 43.44 -21.78 11.37
C GLU F 98 44.40 -22.48 10.43
N ASP F 99 43.97 -22.76 9.20
CA ASP F 99 44.88 -23.35 8.22
C ASP F 99 46.03 -22.38 7.95
N PRO F 100 47.29 -22.82 8.09
CA PRO F 100 48.41 -21.89 7.88
C PRO F 100 48.50 -21.37 6.45
N ASP F 101 47.81 -22.00 5.50
CA ASP F 101 47.90 -21.60 4.10
C ASP F 101 46.89 -20.51 3.74
N VAL F 102 45.67 -20.59 4.24
CA VAL F 102 44.65 -19.60 3.89
C VAL F 102 45.03 -18.22 4.40
N ILE F 103 45.55 -18.16 5.63
CA ILE F 103 45.91 -16.90 6.27
C ILE F 103 47.41 -16.87 6.45
N SER F 104 47.95 -15.65 6.46
CA SER F 104 49.39 -15.44 6.55
C SER F 104 49.74 -14.81 7.89
N ASP F 105 50.84 -15.28 8.49
CA ASP F 105 51.29 -14.78 9.77
C ASP F 105 51.84 -13.37 9.64
N1 FMN G . 12.04 -8.44 1.11
C2 FMN G . 13.40 -8.28 1.29
O2 FMN G . 14.18 -9.20 1.05
N3 FMN G . 13.92 -7.08 1.76
C4 FMN G . 13.07 -6.05 2.05
O4 FMN G . 13.51 -4.98 2.46
C4A FMN G . 11.70 -6.20 1.87
N5 FMN G . 10.86 -5.15 2.15
C5A FMN G . 9.50 -5.30 1.99
C6 FMN G . 8.68 -4.22 2.29
C7 FMN G . 7.31 -4.31 2.13
C7M FMN G . 6.45 -3.12 2.46
C8 FMN G . 6.77 -5.51 1.66
C8M FMN G . 5.28 -5.65 1.48
C9 FMN G . 7.59 -6.59 1.36
C9A FMN G . 8.96 -6.49 1.52
N10 FMN G . 9.81 -7.56 1.22
C10 FMN G . 11.18 -7.40 1.40
C1' FMN G . 9.28 -8.87 0.71
C2' FMN G . 9.08 -9.90 1.84
O2' FMN G . 10.33 -10.16 2.43
C3' FMN G . 8.40 -11.16 1.29
O3' FMN G . 7.03 -10.88 1.14
C4' FMN G . 8.54 -12.40 2.15
O4' FMN G . 9.86 -12.61 2.50
C5' FMN G . 8.12 -13.67 1.41
O5' FMN G . 6.82 -13.56 0.88
P FMN G . 6.30 -14.70 -0.13
O1P FMN G . 6.16 -15.99 0.65
O2P FMN G . 4.99 -14.30 -0.74
O3P FMN G . 7.33 -14.88 -1.23
N1 FMN H . -12.73 3.89 -6.40
C2 FMN H . -14.01 4.33 -6.13
O2 FMN H . -14.89 4.18 -6.97
N3 FMN H . -14.32 4.93 -4.93
C4 FMN H . -13.33 5.09 -3.98
O4 FMN H . -13.60 5.63 -2.90
C4A FMN H . -12.05 4.65 -4.24
N5 FMN H . -11.06 4.81 -3.29
C5A FMN H . -9.79 4.39 -3.54
C6 FMN H . -8.82 4.56 -2.57
C7 FMN H . -7.52 4.14 -2.78
C7M FMN H . -6.51 4.35 -1.70
C8 FMN H . -7.19 3.53 -3.99
C8M FMN H . -5.79 3.06 -4.26
C9 FMN H . -8.16 3.35 -4.97
C9A FMN H . -9.47 3.78 -4.75
N10 FMN H . -10.45 3.61 -5.71
C10 FMN H . -11.74 4.04 -5.45
C1' FMN H . -10.16 2.95 -7.04
C2' FMN H . -9.64 3.96 -8.05
O2' FMN H . -10.20 5.23 -7.80
C3' FMN H . -9.97 3.51 -9.47
O3' FMN H . -9.41 2.23 -9.67
C4' FMN H . -9.47 4.53 -10.50
O4' FMN H . -10.58 5.16 -11.10
C5' FMN H . -8.63 3.90 -11.61
O5' FMN H . -9.44 3.05 -12.39
P FMN H . -8.79 1.87 -13.25
O1P FMN H . -8.07 0.93 -12.31
O2P FMN H . -9.86 1.12 -14.00
O3P FMN H . -7.80 2.45 -14.22
#